data_7YMS
#
_entry.id   7YMS
#
_cell.length_a   1.00
_cell.length_b   1.00
_cell.length_c   1.00
_cell.angle_alpha   90.00
_cell.angle_beta   90.00
_cell.angle_gamma   90.00
#
_symmetry.space_group_name_H-M   'P 1'
#
loop_
_entity.id
_entity.type
_entity.pdbx_description
1 polymer 'Capsid protein VP1'
2 polymer 'Capsid protein VP2'
3 polymer 'Capsid protein VP3'
4 polymer 'Capsid protein VP4'
5 polymer 'The heavy chain of fab 9B5'
6 polymer 'The light chain of fab 9B5'
#
loop_
_entity_poly.entity_id
_entity_poly.type
_entity_poly.pdbx_seq_one_letter_code
_entity_poly.pdbx_strand_id
1 'polypeptide(L)'
;GDPIADMIDQTVNNQVNRSLTALQVLPTAANTEASSHRLGTGVVPALQAAETGASSNASDKNLIETRCVLNHHSTQETAI
GNFFSRAGLVSIITMPTMGTQNTDGYANWDIDLMGYAQLRRKCELFTYMRFDAEFTFVVAKPNGELVPQLLQYMYVPPGA
PKPTSRDSFAWQTATNPSVFVKMTDPPAQVSVPFMSPASAYQWFYDGYPTFGEHLQANDLDYGQCPNNMMGTFSIRTVGT
KKSPHSITLRVYMRIKHVRAWIPRPLRNQPYLFKTNPNYKGNDIKCTSTSRDKITTL
;
A
2 'polypeptide(L)'
;SPSAEACGYSDRVAQLTIGNSTITTQEAANIVIAYGEWPEYCPDTDATAVDKPTRPDVSVNRFFTLDTKSWAKDSKGWYW
KFPDVLTEVGVFGQNAQFHYLYRSGFCVHVQCNASKFHQGALLVAVLPEYVLGTIAGGTGNENSHPPYATTQPGQVGAVL
THPYVLDAGIPLSQLTVCPHQWINLRTNNCATIIVPYMNTVPFDSALNHCNFGLLVIPVVPLDFNAGATSEIPITVTIAP
MCAEFAGLRQAVKQ
;
B
3 'polypeptide(L)'
;GIPTELKPGTNQFLTTDDGVSAPILPGFHPTPPIHIPGEVRNLLEICRVETILEVNNLKTNETTPMQRLCFPVSVQSKTG
ELCAAFRADPGRDGPWQSTILGQLCRYYTQWSGSLEVTFMFAGSFMATGKMLIAYTPPGGSVPADRITAMLGTHVIWDFG
LQSSVTLVVPWISNTHYRAHARAGYFDYYTTGIITIWYQTNYVVPIGAPTTAYIVALAAAQDNFTMKLCKDTEDIEQTAN
IQ
;
C
4 'polypeptide(L)' MGSQVSTQRSGSHENSNSASEGSTINYTTINYYKDAYAASAGRQDMSQDPKRFTDPVMDVIHEMAPPLK D
5 'polypeptide(L)'
;EVQLQQSGPELVKPGASVKMSCKTSGYTFTENTMHWVRQSHGKSLEWIGGIYPKNDDTKYNQKFKGKATLTVDKSSSTAC
MELRSLTSEDSAVYYCARGDYENYFYAMDYWGQGTSVTVSSAKTTPPSVYPLAPGCGDTTGSSVTLGCLVKGYFPESVTV
TWNSGSLSSSVHTFPALLQSGLYTMSSSVTVPSSTWPSQTVTCSVAHPASSTTVDKKL
;
F
6 'polypeptide(L)'
;DIQMTQSPASLSVSVGETVTITCRASENIYSNLAWYQQKQGKSPQLLVYAATNLADGVPSRFSGSGSGTQYSLKINSLQS
EDFGTYYCQQFWDTPFTFGSGTKLAIKRADAAPTVSIFPPSSEQLTSGGASVVCFLNNFYPKDINVKWKIDGSERQNGVL
NSWTDQDSKDSTYSMSSTLTLTKDEYERHNSYTCEATHKTSTSPIVKSFNRNEC
;
E
#
# COMPACT_ATOMS: atom_id res chain seq x y z
N ASP A 2 10.69 9.50 -63.78
CA ASP A 2 11.31 9.09 -62.53
C ASP A 2 12.76 9.55 -62.46
N PRO A 3 12.99 10.76 -61.95
CA PRO A 3 14.37 11.26 -61.86
C PRO A 3 15.17 10.63 -60.73
N ILE A 4 14.51 10.18 -59.67
CA ILE A 4 15.17 9.59 -58.51
C ILE A 4 14.79 8.12 -58.46
N ALA A 5 15.79 7.25 -58.42
CA ALA A 5 15.54 5.81 -58.54
C ALA A 5 15.30 5.15 -57.20
N ASP A 6 16.03 5.57 -56.15
CA ASP A 6 15.93 4.90 -54.86
C ASP A 6 14.71 5.32 -54.05
N MET A 7 13.91 6.27 -54.54
CA MET A 7 12.69 6.65 -53.84
C MET A 7 11.47 5.88 -54.31
N ILE A 8 11.65 4.84 -55.13
CA ILE A 8 10.52 4.03 -55.59
C ILE A 8 10.19 2.98 -54.54
N LEU A 23 -1.05 -20.47 -38.30
CA LEU A 23 -2.22 -20.82 -37.51
C LEU A 23 -2.76 -22.19 -37.91
N GLN A 24 -2.61 -23.16 -37.01
CA GLN A 24 -3.09 -24.52 -37.23
C GLN A 24 -4.01 -24.93 -36.08
N VAL A 25 -5.20 -25.37 -36.43
CA VAL A 25 -6.19 -25.80 -35.44
C VAL A 25 -5.86 -27.21 -35.01
N LEU A 26 -5.50 -27.38 -33.74
CA LEU A 26 -5.14 -28.67 -33.17
C LEU A 26 -6.11 -28.97 -32.02
N PRO A 27 -7.25 -29.59 -32.31
CA PRO A 27 -8.17 -29.94 -31.22
C PRO A 27 -7.70 -31.13 -30.39
N THR A 28 -6.88 -32.01 -30.96
CA THR A 28 -6.35 -33.16 -30.25
C THR A 28 -4.83 -33.15 -30.33
N ALA A 29 -4.20 -34.04 -29.57
CA ALA A 29 -2.75 -34.15 -29.58
C ALA A 29 -2.28 -34.85 -30.85
N ALA A 30 -0.98 -34.74 -31.11
CA ALA A 30 -0.39 -35.33 -32.31
C ALA A 30 -0.23 -36.84 -32.15
N ASN A 31 -0.58 -37.57 -33.20
CA ASN A 31 -0.43 -39.02 -33.17
C ASN A 31 1.03 -39.42 -33.38
N THR A 32 1.35 -40.64 -32.97
CA THR A 32 2.69 -41.20 -33.09
C THR A 32 2.66 -42.25 -34.19
N GLU A 33 3.36 -41.98 -35.29
CA GLU A 33 3.42 -42.91 -36.41
C GLU A 33 4.45 -44.01 -36.13
N ALA A 34 4.25 -45.14 -36.80
CA ALA A 34 5.17 -46.27 -36.63
C ALA A 34 6.47 -46.02 -37.38
N SER A 35 7.55 -46.59 -36.86
CA SER A 35 8.86 -46.42 -37.46
C SER A 35 9.69 -47.67 -37.21
N SER A 36 10.73 -47.84 -38.02
CA SER A 36 11.65 -48.96 -37.93
C SER A 36 13.06 -48.45 -37.66
N HIS A 37 14.02 -49.36 -37.69
CA HIS A 37 15.41 -48.99 -37.44
C HIS A 37 16.02 -48.32 -38.67
N ARG A 38 16.96 -47.42 -38.43
CA ARG A 38 17.66 -46.72 -39.48
C ARG A 38 19.17 -46.95 -39.35
N LEU A 39 19.83 -47.16 -40.49
CA LEU A 39 21.27 -47.38 -40.54
C LEU A 39 21.83 -46.62 -41.73
N GLY A 40 22.65 -45.62 -41.47
CA GLY A 40 23.24 -44.85 -42.54
C GLY A 40 23.95 -43.63 -42.00
N THR A 41 24.57 -42.90 -42.92
CA THR A 41 25.32 -41.69 -42.61
C THR A 41 24.68 -40.49 -43.32
N GLY A 42 25.05 -39.30 -42.86
CA GLY A 42 24.54 -38.07 -43.43
C GLY A 42 23.30 -37.52 -42.75
N VAL A 43 22.48 -38.36 -42.14
CA VAL A 43 21.28 -37.94 -41.44
C VAL A 43 21.48 -38.18 -39.95
N VAL A 44 21.34 -37.13 -39.16
CA VAL A 44 21.52 -37.21 -37.72
C VAL A 44 20.45 -36.38 -37.01
N PRO A 45 19.26 -36.95 -36.77
CA PRO A 45 18.22 -36.19 -36.07
C PRO A 45 18.48 -36.02 -34.58
N ALA A 46 19.36 -36.82 -33.99
CA ALA A 46 19.66 -36.67 -32.57
C ALA A 46 20.56 -35.47 -32.31
N LEU A 47 21.57 -35.28 -33.15
CA LEU A 47 22.50 -34.16 -32.97
C LEU A 47 21.84 -32.86 -33.39
N GLN A 48 21.71 -31.93 -32.45
CA GLN A 48 21.10 -30.63 -32.69
C GLN A 48 22.08 -29.53 -32.27
N ALA A 49 21.65 -28.29 -32.41
CA ALA A 49 22.44 -27.13 -32.04
C ALA A 49 21.62 -26.24 -31.13
N ALA A 50 21.96 -26.21 -29.85
CA ALA A 50 21.26 -25.38 -28.88
C ALA A 50 21.75 -23.94 -28.86
N GLU A 51 22.79 -23.61 -29.62
CA GLU A 51 23.31 -22.26 -29.69
C GLU A 51 22.54 -21.37 -30.67
N THR A 52 21.58 -21.93 -31.41
CA THR A 52 20.77 -21.17 -32.34
C THR A 52 19.55 -20.55 -31.71
N GLY A 53 19.33 -20.76 -30.41
CA GLY A 53 18.17 -20.21 -29.74
C GLY A 53 16.86 -20.88 -30.07
N ALA A 54 16.89 -22.08 -30.64
CA ALA A 54 15.70 -22.80 -31.04
C ALA A 54 15.65 -24.17 -30.37
N SER A 55 14.44 -24.66 -30.14
CA SER A 55 14.27 -25.97 -29.54
C SER A 55 14.58 -27.08 -30.55
N SER A 56 14.79 -28.28 -30.02
CA SER A 56 15.11 -29.42 -30.87
C SER A 56 13.84 -29.93 -31.55
N ASN A 57 13.93 -30.13 -32.86
CA ASN A 57 12.80 -30.62 -33.65
C ASN A 57 12.78 -32.13 -33.78
N ALA A 58 13.53 -32.86 -32.95
CA ALA A 58 13.53 -34.31 -33.02
C ALA A 58 12.27 -34.88 -32.37
N SER A 59 11.78 -35.97 -32.96
CA SER A 59 10.59 -36.65 -32.48
C SER A 59 10.97 -38.00 -31.89
N ASP A 60 9.94 -38.76 -31.48
CA ASP A 60 10.20 -40.06 -30.85
C ASP A 60 10.44 -41.13 -31.90
N LYS A 61 9.85 -40.99 -33.09
CA LYS A 61 9.99 -42.01 -34.12
C LYS A 61 11.34 -41.95 -34.82
N ASN A 62 12.05 -40.82 -34.72
CA ASN A 62 13.35 -40.69 -35.38
C ASN A 62 14.51 -41.18 -34.54
N LEU A 63 14.27 -41.59 -33.30
CA LEU A 63 15.32 -42.07 -32.42
C LEU A 63 15.13 -43.54 -32.06
N ILE A 64 13.97 -43.92 -31.56
CA ILE A 64 13.70 -45.32 -31.21
C ILE A 64 12.57 -45.85 -32.10
N GLU A 65 12.29 -47.15 -32.00
CA GLU A 65 11.24 -47.77 -32.78
C GLU A 65 9.90 -47.54 -32.09
N THR A 66 8.95 -46.98 -32.83
CA THR A 66 7.63 -46.65 -32.30
C THR A 66 6.56 -47.42 -33.07
N ARG A 67 5.33 -47.35 -32.58
CA ARG A 67 4.18 -47.98 -33.19
C ARG A 67 3.11 -46.94 -33.46
N CYS A 68 2.06 -47.35 -34.18
CA CYS A 68 0.96 -46.45 -34.48
C CYS A 68 0.09 -46.27 -33.26
N VAL A 69 0.05 -45.04 -32.74
CA VAL A 69 -0.73 -44.69 -31.55
C VAL A 69 -1.68 -43.57 -31.93
N LEU A 70 -2.98 -43.84 -31.86
CA LEU A 70 -4.01 -42.84 -32.11
C LEU A 70 -4.26 -42.06 -30.83
N ASN A 71 -3.84 -40.78 -30.83
CA ASN A 71 -3.92 -39.93 -29.65
C ASN A 71 -5.22 -39.14 -29.70
N HIS A 72 -6.12 -39.43 -28.75
CA HIS A 72 -7.40 -38.74 -28.65
C HIS A 72 -7.46 -37.78 -27.48
N HIS A 73 -6.32 -37.39 -26.91
CA HIS A 73 -6.30 -36.46 -25.79
C HIS A 73 -6.59 -35.05 -26.26
N SER A 74 -7.47 -34.36 -25.56
CA SER A 74 -7.92 -33.03 -25.94
C SER A 74 -7.03 -31.97 -25.31
N THR A 75 -6.93 -30.82 -25.98
CA THR A 75 -6.12 -29.70 -25.52
C THR A 75 -6.94 -28.50 -25.10
N GLN A 76 -8.18 -28.71 -24.63
CA GLN A 76 -9.04 -27.60 -24.26
C GLN A 76 -8.68 -27.05 -22.89
N GLU A 77 -8.16 -27.90 -22.00
CA GLU A 77 -7.78 -27.45 -20.66
C GLU A 77 -6.52 -26.60 -20.68
N THR A 78 -5.70 -26.73 -21.72
CA THR A 78 -4.47 -25.98 -21.85
C THR A 78 -4.66 -24.62 -22.49
N ALA A 79 -5.89 -24.19 -22.72
CA ALA A 79 -6.13 -22.90 -23.36
C ALA A 79 -5.99 -21.78 -22.33
N ILE A 80 -5.83 -20.55 -22.84
CA ILE A 80 -5.70 -19.39 -21.98
C ILE A 80 -7.05 -19.03 -21.37
N GLY A 81 -8.13 -19.27 -22.10
CA GLY A 81 -9.46 -18.92 -21.60
C GLY A 81 -9.91 -19.82 -20.46
N ASN A 82 -9.62 -21.12 -20.57
CA ASN A 82 -9.98 -22.04 -19.49
C ASN A 82 -9.06 -21.90 -18.29
N PHE A 83 -7.85 -21.38 -18.49
CA PHE A 83 -6.92 -21.21 -17.39
C PHE A 83 -7.26 -19.98 -16.54
N PHE A 84 -7.99 -19.02 -17.10
CA PHE A 84 -8.30 -17.78 -16.42
C PHE A 84 -9.78 -17.61 -16.08
N SER A 85 -10.63 -18.57 -16.44
CA SER A 85 -12.06 -18.47 -16.19
C SER A 85 -12.46 -18.84 -14.76
N ARG A 86 -11.49 -19.05 -13.87
CA ARG A 86 -11.76 -19.41 -12.49
C ARG A 86 -11.53 -18.18 -11.61
N ALA A 87 -12.49 -17.91 -10.73
CA ALA A 87 -12.44 -16.72 -9.88
C ALA A 87 -11.37 -16.88 -8.80
N GLY A 88 -10.89 -15.73 -8.32
CA GLY A 88 -9.86 -15.73 -7.28
C GLY A 88 -10.00 -14.50 -6.40
N LEU A 89 -9.55 -14.65 -5.16
CA LEU A 89 -9.62 -13.58 -4.18
C LEU A 89 -8.59 -12.51 -4.51
N VAL A 90 -9.04 -11.25 -4.60
CA VAL A 90 -8.15 -10.16 -4.95
C VAL A 90 -8.10 -9.06 -3.88
N SER A 91 -9.13 -8.93 -3.05
CA SER A 91 -9.17 -7.88 -2.04
C SER A 91 -10.11 -8.28 -0.92
N ILE A 92 -9.73 -7.93 0.31
CA ILE A 92 -10.58 -8.09 1.49
C ILE A 92 -10.66 -6.74 2.17
N ILE A 93 -11.88 -6.19 2.27
CA ILE A 93 -12.11 -4.88 2.86
C ILE A 93 -12.77 -5.09 4.21
N THR A 94 -12.14 -4.59 5.27
CA THR A 94 -12.64 -4.70 6.63
C THR A 94 -13.16 -3.33 7.08
N MET A 95 -14.44 -3.29 7.43
CA MET A 95 -15.08 -2.06 7.92
C MET A 95 -15.67 -2.36 9.29
N PRO A 96 -14.85 -2.28 10.35
CA PRO A 96 -15.35 -2.63 11.68
C PRO A 96 -15.99 -1.45 12.39
N THR A 97 -16.61 -1.71 13.55
CA THR A 97 -17.16 -0.63 14.36
C THR A 97 -16.09 0.00 15.24
N MET A 98 -15.21 -0.82 15.80
CA MET A 98 -14.11 -0.34 16.64
C MET A 98 -12.79 -0.57 15.92
N GLY A 99 -11.84 0.30 16.18
CA GLY A 99 -10.54 0.24 15.54
C GLY A 99 -10.01 1.63 15.27
N THR A 100 -9.20 1.74 14.21
CA THR A 100 -8.57 2.99 13.83
C THR A 100 -8.71 3.35 12.37
N GLN A 101 -9.00 2.39 11.49
CA GLN A 101 -8.90 2.63 10.06
C GLN A 101 -10.22 3.06 9.42
N ASN A 102 -11.25 2.22 9.49
CA ASN A 102 -12.50 2.45 8.77
C ASN A 102 -13.70 2.34 9.73
N THR A 103 -13.62 3.08 10.84
CA THR A 103 -14.67 3.06 11.85
C THR A 103 -15.70 4.16 11.68
N ASP A 104 -15.65 4.93 10.59
CA ASP A 104 -16.59 6.02 10.39
C ASP A 104 -17.85 5.58 9.66
N GLY A 105 -17.88 4.36 9.13
CA GLY A 105 -19.01 3.86 8.38
C GLY A 105 -18.77 3.71 6.89
N TYR A 106 -17.59 4.10 6.40
CA TYR A 106 -17.27 4.01 4.99
C TYR A 106 -15.82 3.57 4.84
N ALA A 107 -15.49 3.04 3.66
CA ALA A 107 -14.16 2.56 3.37
C ALA A 107 -13.86 2.79 1.89
N ASN A 108 -12.76 3.48 1.61
CA ASN A 108 -12.29 3.72 0.25
C ASN A 108 -11.12 2.80 -0.03
N TRP A 109 -11.29 1.91 -1.02
CA TRP A 109 -10.25 0.98 -1.42
C TRP A 109 -9.84 1.31 -2.85
N ASP A 110 -8.56 1.62 -3.05
CA ASP A 110 -8.06 1.89 -4.38
C ASP A 110 -7.98 0.61 -5.19
N ILE A 111 -8.29 0.71 -6.48
CA ILE A 111 -8.37 -0.45 -7.36
C ILE A 111 -6.95 -0.83 -7.78
N ASP A 112 -6.35 -1.76 -7.04
CA ASP A 112 -5.02 -2.28 -7.35
C ASP A 112 -5.00 -3.75 -6.97
N LEU A 113 -5.13 -4.63 -7.96
CA LEU A 113 -5.33 -6.06 -7.76
C LEU A 113 -3.96 -6.74 -7.70
N MET A 114 -3.17 -6.38 -6.70
CA MET A 114 -1.86 -6.98 -6.45
C MET A 114 -1.67 -7.39 -5.01
N GLY A 115 -2.75 -7.58 -4.24
CA GLY A 115 -2.61 -7.78 -2.81
C GLY A 115 -2.49 -9.24 -2.43
N TYR A 116 -2.87 -10.14 -3.33
CA TYR A 116 -2.86 -11.57 -3.06
C TYR A 116 -2.07 -12.29 -4.14
N ALA A 117 -1.29 -13.28 -3.72
CA ALA A 117 -0.25 -13.84 -4.57
C ALA A 117 -0.75 -15.04 -5.39
N GLN A 118 -1.98 -15.48 -5.16
CA GLN A 118 -2.50 -16.62 -5.92
C GLN A 118 -2.86 -16.23 -7.34
N LEU A 119 -3.58 -15.11 -7.50
CA LEU A 119 -3.96 -14.65 -8.83
C LEU A 119 -2.91 -13.73 -9.43
N ARG A 120 -1.96 -13.25 -8.62
CA ARG A 120 -0.93 -12.34 -9.13
C ARG A 120 0.10 -13.10 -9.96
N ARG A 121 0.38 -14.35 -9.59
CA ARG A 121 1.38 -15.14 -10.31
C ARG A 121 0.88 -15.56 -11.68
N LYS A 122 -0.44 -15.67 -11.86
CA LYS A 122 -1.00 -15.95 -13.17
C LYS A 122 -0.87 -14.75 -14.09
N CYS A 123 -1.10 -13.55 -13.56
CA CYS A 123 -1.03 -12.35 -14.39
C CYS A 123 0.40 -11.96 -14.72
N GLU A 124 1.36 -12.38 -13.89
CA GLU A 124 2.77 -12.11 -14.17
C GLU A 124 3.38 -13.14 -15.11
N LEU A 125 2.61 -14.15 -15.55
CA LEU A 125 3.11 -15.08 -16.54
C LEU A 125 3.23 -14.42 -17.91
N PHE A 126 2.35 -13.47 -18.22
CA PHE A 126 2.39 -12.74 -19.48
C PHE A 126 2.66 -11.26 -19.21
N THR A 127 3.22 -10.59 -20.20
CA THR A 127 3.51 -9.16 -20.07
C THR A 127 2.24 -8.33 -20.27
N TYR A 128 1.62 -8.48 -21.44
CA TYR A 128 0.43 -7.71 -21.81
C TYR A 128 -0.77 -8.63 -21.87
N MET A 129 -1.88 -8.21 -21.26
CA MET A 129 -3.08 -9.02 -21.18
C MET A 129 -4.31 -8.14 -21.32
N ARG A 130 -5.09 -8.38 -22.36
CA ARG A 130 -6.34 -7.66 -22.62
C ARG A 130 -7.50 -8.59 -22.32
N PHE A 131 -8.34 -8.20 -21.37
CA PHE A 131 -9.41 -9.08 -20.92
C PHE A 131 -10.54 -8.25 -20.33
N ASP A 132 -11.69 -8.90 -20.18
CA ASP A 132 -12.80 -8.41 -19.39
C ASP A 132 -12.83 -9.16 -18.05
N ALA A 133 -13.50 -8.57 -17.07
CA ALA A 133 -13.49 -9.13 -15.73
C ALA A 133 -14.91 -9.21 -15.19
N GLU A 134 -15.11 -10.11 -14.23
CA GLU A 134 -16.40 -10.32 -13.58
C GLU A 134 -16.18 -10.27 -12.07
N PHE A 135 -16.65 -9.20 -11.43
CA PHE A 135 -16.47 -9.01 -10.00
C PHE A 135 -17.60 -9.66 -9.22
N THR A 136 -17.25 -10.20 -8.05
CA THR A 136 -18.22 -10.80 -7.13
C THR A 136 -17.90 -10.33 -5.72
N PHE A 137 -18.89 -9.77 -5.03
CA PHE A 137 -18.71 -9.18 -3.71
C PHE A 137 -19.52 -9.98 -2.70
N VAL A 138 -18.82 -10.66 -1.80
CA VAL A 138 -19.45 -11.49 -0.77
C VAL A 138 -19.36 -10.74 0.56
N VAL A 139 -20.49 -10.61 1.24
CA VAL A 139 -20.58 -9.87 2.49
C VAL A 139 -20.74 -10.85 3.63
N ALA A 140 -19.96 -10.66 4.69
CA ALA A 140 -20.02 -11.50 5.87
C ALA A 140 -19.49 -10.70 7.06
N LYS A 141 -19.86 -11.13 8.26
CA LYS A 141 -19.36 -10.61 9.51
C LYS A 141 -17.98 -11.21 9.80
N PRO A 142 -17.19 -10.61 10.70
CA PRO A 142 -15.89 -11.22 11.05
C PRO A 142 -16.01 -12.58 11.73
N ASN A 143 -17.12 -12.88 12.39
CA ASN A 143 -17.31 -14.20 12.98
C ASN A 143 -18.09 -15.14 12.08
N GLY A 144 -18.56 -14.67 10.92
CA GLY A 144 -19.21 -15.51 9.95
C GLY A 144 -20.72 -15.42 9.92
N GLU A 145 -21.33 -14.71 10.87
CA GLU A 145 -22.78 -14.61 10.92
C GLU A 145 -23.29 -13.60 9.89
N LEU A 146 -24.61 -13.47 9.83
CA LEU A 146 -25.27 -12.55 8.90
C LEU A 146 -26.41 -11.82 9.61
N VAL A 147 -26.56 -10.55 9.28
CA VAL A 147 -27.62 -9.71 9.85
C VAL A 147 -28.35 -9.03 8.70
N PRO A 148 -29.63 -8.66 8.85
CA PRO A 148 -30.32 -7.93 7.78
C PRO A 148 -29.83 -6.49 7.65
N GLN A 149 -28.70 -6.31 6.98
CA GLN A 149 -28.08 -4.99 6.82
C GLN A 149 -28.00 -4.64 5.35
N LEU A 150 -28.27 -3.37 5.03
CA LEU A 150 -28.23 -2.89 3.65
C LEU A 150 -26.86 -2.29 3.37
N LEU A 151 -26.28 -2.66 2.22
CA LEU A 151 -24.94 -2.23 1.84
C LEU A 151 -24.97 -1.60 0.47
N GLN A 152 -24.10 -0.62 0.24
CA GLN A 152 -24.04 0.12 -1.01
C GLN A 152 -22.63 0.07 -1.58
N TYR A 153 -22.51 -0.30 -2.84
CA TYR A 153 -21.26 -0.26 -3.57
C TYR A 153 -21.22 0.98 -4.47
N MET A 154 -20.00 1.37 -4.86
CA MET A 154 -19.81 2.49 -5.77
C MET A 154 -18.45 2.35 -6.43
N TYR A 155 -18.42 2.67 -7.72
CA TYR A 155 -17.19 2.66 -8.51
C TYR A 155 -16.77 4.10 -8.76
N VAL A 156 -15.56 4.45 -8.32
CA VAL A 156 -15.02 5.80 -8.46
C VAL A 156 -13.92 5.76 -9.53
N PRO A 157 -14.17 6.24 -10.73
CA PRO A 157 -13.11 6.33 -11.74
C PRO A 157 -12.20 7.51 -11.43
N PRO A 158 -11.02 7.57 -12.06
CA PRO A 158 -10.15 8.74 -11.84
C PRO A 158 -10.75 10.02 -12.42
N GLY A 159 -10.92 11.01 -11.55
CA GLY A 159 -11.56 12.26 -11.90
C GLY A 159 -12.86 12.52 -11.16
N ALA A 160 -13.41 11.51 -10.50
CA ALA A 160 -14.64 11.55 -9.70
C ALA A 160 -14.31 11.90 -8.25
N PRO A 161 -15.19 12.65 -7.57
CA PRO A 161 -14.90 13.03 -6.19
C PRO A 161 -15.07 11.85 -5.23
N LYS A 162 -14.15 11.77 -4.27
CA LYS A 162 -14.19 10.72 -3.25
C LYS A 162 -14.99 11.19 -2.04
N PRO A 163 -15.77 10.31 -1.42
CA PRO A 163 -16.58 10.74 -0.27
C PRO A 163 -15.73 10.90 0.98
N THR A 164 -16.14 11.82 1.85
CA THR A 164 -15.49 12.03 3.14
C THR A 164 -16.33 11.53 4.30
N SER A 165 -17.57 11.13 4.06
CA SER A 165 -18.47 10.63 5.09
C SER A 165 -19.51 9.74 4.41
N ARG A 166 -20.41 9.18 5.22
CA ARG A 166 -21.47 8.34 4.67
C ARG A 166 -22.65 9.17 4.18
N ASP A 167 -22.81 10.39 4.69
CA ASP A 167 -23.87 11.29 4.24
C ASP A 167 -23.35 12.36 3.28
N SER A 168 -22.31 12.06 2.51
CA SER A 168 -21.73 13.05 1.62
C SER A 168 -22.56 13.19 0.34
N PHE A 169 -22.18 14.17 -0.47
CA PHE A 169 -22.90 14.39 -1.73
C PHE A 169 -22.50 13.38 -2.79
N ALA A 170 -21.36 12.71 -2.62
CA ALA A 170 -20.89 11.73 -3.59
C ALA A 170 -21.69 10.43 -3.56
N TRP A 171 -22.48 10.19 -2.50
CA TRP A 171 -23.28 8.99 -2.41
C TRP A 171 -24.66 9.14 -3.04
N GLN A 172 -24.94 10.27 -3.69
CA GLN A 172 -26.16 10.38 -4.46
C GLN A 172 -26.10 9.54 -5.72
N THR A 173 -24.88 9.38 -6.27
CA THR A 173 -24.56 8.45 -7.37
C THR A 173 -25.41 8.69 -8.61
N ALA A 174 -25.24 9.88 -9.21
CA ALA A 174 -25.97 10.25 -10.41
C ALA A 174 -25.44 9.49 -11.63
N THR A 175 -24.12 9.52 -11.82
CA THR A 175 -23.48 8.89 -12.97
C THR A 175 -22.55 7.74 -12.57
N ASN A 176 -22.43 7.44 -11.29
CA ASN A 176 -21.55 6.35 -10.87
C ASN A 176 -22.35 5.05 -10.76
N PRO A 177 -21.76 3.91 -11.12
CA PRO A 177 -22.47 2.63 -10.95
C PRO A 177 -22.55 2.25 -9.48
N SER A 178 -23.73 1.80 -9.06
CA SER A 178 -23.96 1.46 -7.66
C SER A 178 -24.83 0.22 -7.57
N VAL A 179 -24.50 -0.64 -6.59
CA VAL A 179 -25.21 -1.88 -6.35
C VAL A 179 -25.72 -1.87 -4.91
N PHE A 180 -27.04 -1.96 -4.75
CA PHE A 180 -27.66 -2.10 -3.44
C PHE A 180 -27.83 -3.58 -3.16
N VAL A 181 -27.04 -4.10 -2.22
CA VAL A 181 -27.05 -5.51 -1.88
C VAL A 181 -27.32 -5.64 -0.38
N LYS A 182 -27.77 -6.82 0.04
CA LYS A 182 -28.01 -7.11 1.44
C LYS A 182 -27.16 -8.30 1.87
N MET A 183 -26.95 -8.43 3.18
CA MET A 183 -26.12 -9.53 3.68
C MET A 183 -26.84 -10.87 3.62
N THR A 184 -28.17 -10.86 3.58
CA THR A 184 -28.95 -12.09 3.39
C THR A 184 -29.18 -12.42 1.93
N ASP A 185 -28.65 -11.61 1.02
CA ASP A 185 -28.80 -11.81 -0.41
C ASP A 185 -27.63 -12.64 -0.94
N PRO A 186 -27.78 -13.24 -2.12
CA PRO A 186 -26.62 -13.82 -2.81
C PRO A 186 -25.64 -12.74 -3.23
N PRO A 187 -24.37 -13.08 -3.44
CA PRO A 187 -23.38 -12.07 -3.85
C PRO A 187 -23.65 -11.53 -5.25
N ALA A 188 -23.41 -10.23 -5.40
CA ALA A 188 -23.72 -9.53 -6.64
C ALA A 188 -22.61 -9.73 -7.66
N GLN A 189 -23.00 -10.01 -8.90
CA GLN A 189 -22.08 -10.19 -10.01
C GLN A 189 -22.29 -9.10 -11.05
N VAL A 190 -21.20 -8.41 -11.40
CA VAL A 190 -21.20 -7.42 -12.45
C VAL A 190 -20.12 -7.80 -13.46
N SER A 191 -20.17 -7.18 -14.64
CA SER A 191 -19.18 -7.39 -15.68
C SER A 191 -18.52 -6.04 -15.99
N VAL A 192 -17.30 -5.87 -15.49
CA VAL A 192 -16.54 -4.64 -15.74
C VAL A 192 -15.82 -4.80 -17.08
N PRO A 193 -15.99 -3.87 -18.02
CA PRO A 193 -15.35 -4.01 -19.33
C PRO A 193 -13.88 -3.61 -19.33
N PHE A 194 -13.27 -3.63 -20.51
CA PHE A 194 -11.87 -3.21 -20.68
C PHE A 194 -11.80 -1.70 -20.58
N MET A 195 -11.36 -1.20 -19.44
CA MET A 195 -11.36 0.23 -19.15
C MET A 195 -9.99 0.88 -19.33
N SER A 196 -8.99 0.12 -19.78
CA SER A 196 -7.66 0.69 -19.93
C SER A 196 -7.57 1.54 -21.20
N PRO A 197 -6.88 2.68 -21.14
CA PRO A 197 -6.75 3.52 -22.35
C PRO A 197 -5.79 2.94 -23.38
N ALA A 198 -4.91 2.01 -22.99
CA ALA A 198 -4.00 1.36 -23.92
C ALA A 198 -4.70 0.17 -24.57
N SER A 199 -3.93 -0.61 -25.33
CA SER A 199 -4.50 -1.78 -25.99
C SER A 199 -4.64 -2.97 -25.05
N ALA A 200 -3.81 -3.05 -24.01
CA ALA A 200 -3.87 -4.13 -23.05
C ALA A 200 -3.31 -3.64 -21.72
N TYR A 201 -3.58 -4.42 -20.67
CA TYR A 201 -3.04 -4.10 -19.36
C TYR A 201 -1.55 -4.41 -19.31
N GLN A 202 -0.79 -3.49 -18.72
CA GLN A 202 0.66 -3.61 -18.63
C GLN A 202 1.02 -3.89 -17.16
N TRP A 203 1.34 -5.15 -16.86
CA TRP A 203 1.62 -5.54 -15.48
C TRP A 203 2.98 -5.04 -15.03
N PHE A 204 3.93 -4.92 -15.96
CA PHE A 204 5.29 -4.49 -15.65
C PHE A 204 5.63 -3.27 -16.49
N TYR A 205 5.84 -2.14 -15.83
CA TYR A 205 6.20 -0.88 -16.48
C TYR A 205 7.68 -0.60 -16.20
N ASP A 206 8.47 -0.49 -17.26
CA ASP A 206 9.92 -0.27 -17.13
C ASP A 206 10.24 1.16 -17.53
N GLY A 207 10.76 1.93 -16.59
CA GLY A 207 11.19 3.28 -16.87
C GLY A 207 10.61 4.25 -15.86
N TYR A 208 11.20 5.44 -15.83
CA TYR A 208 10.71 6.53 -15.00
C TYR A 208 9.70 7.34 -15.80
N PRO A 209 8.40 7.25 -15.49
CA PRO A 209 7.40 7.93 -16.33
C PRO A 209 7.37 9.43 -16.17
N THR A 210 7.97 9.98 -15.13
CA THR A 210 7.97 11.42 -14.92
C THR A 210 8.98 12.08 -15.87
N PHE A 211 8.92 13.41 -15.92
CA PHE A 211 9.80 14.21 -16.77
C PHE A 211 10.81 14.95 -15.89
N GLY A 212 11.79 15.57 -16.55
CA GLY A 212 12.82 16.30 -15.84
C GLY A 212 13.84 15.37 -15.18
N GLU A 213 14.68 15.98 -14.35
CA GLU A 213 15.71 15.24 -13.64
C GLU A 213 15.08 14.48 -12.47
N HIS A 214 15.37 13.19 -12.39
CA HIS A 214 14.80 12.34 -11.35
C HIS A 214 15.69 12.35 -10.12
N LEU A 215 15.09 12.65 -8.97
CA LEU A 215 15.83 12.70 -7.71
C LEU A 215 15.59 11.42 -6.91
N GLN A 216 16.16 11.38 -5.70
CA GLN A 216 16.00 10.21 -4.84
C GLN A 216 14.64 10.20 -4.14
N ALA A 217 14.08 11.39 -3.87
CA ALA A 217 12.78 11.45 -3.22
C ALA A 217 11.65 11.08 -4.17
N ASN A 218 11.85 11.26 -5.47
CA ASN A 218 10.86 10.88 -6.48
C ASN A 218 11.08 9.48 -7.03
N ASP A 219 11.69 8.59 -6.25
CA ASP A 219 11.95 7.23 -6.72
C ASP A 219 10.76 6.31 -6.50
N LEU A 220 9.68 6.82 -5.88
CA LEU A 220 8.49 6.00 -5.67
C LEU A 220 7.71 5.77 -6.95
N ASP A 221 7.91 6.61 -7.97
CA ASP A 221 7.13 6.53 -9.19
C ASP A 221 7.63 5.48 -10.17
N TYR A 222 8.62 4.68 -9.80
CA TYR A 222 9.13 3.65 -10.69
C TYR A 222 8.16 2.47 -10.76
N GLY A 223 7.90 2.02 -11.99
CA GLY A 223 6.99 0.90 -12.19
C GLY A 223 5.53 1.20 -11.96
N GLN A 224 5.14 2.47 -12.06
CA GLN A 224 3.76 2.90 -11.84
C GLN A 224 3.21 3.42 -13.16
N CYS A 225 2.31 2.66 -13.77
CA CYS A 225 1.70 3.06 -15.03
C CYS A 225 0.30 3.60 -14.77
N PRO A 226 -0.10 4.69 -15.43
CA PRO A 226 -1.46 5.23 -15.20
C PRO A 226 -2.55 4.48 -15.95
N ASN A 227 -2.21 3.51 -16.81
CA ASN A 227 -3.22 2.80 -17.57
C ASN A 227 -3.93 1.76 -16.72
N ASN A 228 -3.30 1.28 -15.65
CA ASN A 228 -3.87 0.26 -14.79
C ASN A 228 -4.52 0.82 -13.54
N MET A 229 -4.56 2.14 -13.39
CA MET A 229 -5.17 2.78 -12.22
C MET A 229 -6.61 3.12 -12.54
N MET A 230 -7.55 2.37 -11.97
CA MET A 230 -8.96 2.54 -12.24
C MET A 230 -9.68 3.33 -11.16
N GLY A 231 -8.96 3.89 -10.20
CA GLY A 231 -9.56 4.74 -9.19
C GLY A 231 -9.77 4.03 -7.87
N THR A 232 -10.92 4.32 -7.27
CA THR A 232 -11.26 3.85 -5.93
C THR A 232 -12.55 3.04 -5.98
N PHE A 233 -12.74 2.19 -4.97
CA PHE A 233 -13.96 1.42 -4.78
C PHE A 233 -14.47 1.68 -3.37
N SER A 234 -15.54 2.46 -3.26
CA SER A 234 -16.04 2.94 -1.99
C SER A 234 -17.32 2.20 -1.59
N ILE A 235 -17.40 1.83 -0.32
CA ILE A 235 -18.59 1.19 0.24
C ILE A 235 -19.03 1.98 1.46
N ARG A 236 -20.30 1.84 1.82
CA ARG A 236 -20.84 2.49 3.01
C ARG A 236 -22.09 1.75 3.47
N THR A 237 -22.49 2.05 4.70
CA THR A 237 -23.76 1.56 5.23
C THR A 237 -24.86 2.57 4.88
N VAL A 238 -25.95 2.08 4.30
CA VAL A 238 -27.05 2.93 3.87
C VAL A 238 -27.80 3.43 5.10
N GLY A 239 -27.63 4.70 5.42
CA GLY A 239 -28.27 5.30 6.58
C GLY A 239 -27.41 6.40 7.16
N THR A 240 -28.07 7.25 7.96
CA THR A 240 -27.37 8.36 8.59
C THR A 240 -26.69 7.92 9.88
N LYS A 241 -27.33 7.06 10.66
CA LYS A 241 -26.76 6.59 11.91
C LYS A 241 -25.77 5.45 11.64
N LYS A 242 -24.90 5.20 12.62
CA LYS A 242 -23.89 4.17 12.50
C LYS A 242 -24.49 2.80 12.76
N SER A 243 -24.07 1.81 11.97
CA SER A 243 -24.54 0.44 12.12
C SER A 243 -23.77 -0.28 13.22
N PRO A 244 -24.45 -1.09 14.03
CA PRO A 244 -23.76 -1.80 15.11
C PRO A 244 -23.02 -3.05 14.65
N HIS A 245 -23.17 -3.46 13.40
CA HIS A 245 -22.56 -4.69 12.91
C HIS A 245 -21.34 -4.39 12.05
N SER A 246 -20.29 -5.19 12.25
CA SER A 246 -19.09 -5.07 11.44
C SER A 246 -19.27 -5.79 10.11
N ILE A 247 -18.74 -5.19 9.05
CA ILE A 247 -18.93 -5.68 7.69
C ILE A 247 -17.56 -5.95 7.07
N THR A 248 -17.35 -7.19 6.62
CA THR A 248 -16.14 -7.59 5.91
C THR A 248 -16.53 -7.99 4.50
N LEU A 249 -15.92 -7.35 3.51
CA LEU A 249 -16.23 -7.56 2.10
C LEU A 249 -15.08 -8.27 1.42
N ARG A 250 -15.39 -9.24 0.56
CA ARG A 250 -14.40 -9.98 -0.20
C ARG A 250 -14.72 -9.88 -1.68
N VAL A 251 -13.72 -9.51 -2.48
CA VAL A 251 -13.88 -9.30 -3.91
C VAL A 251 -13.25 -10.47 -4.66
N TYR A 252 -13.99 -11.01 -5.63
CA TYR A 252 -13.53 -12.13 -6.46
C TYR A 252 -13.66 -11.76 -7.92
N MET A 253 -12.56 -11.81 -8.65
CA MET A 253 -12.52 -11.44 -10.06
C MET A 253 -12.43 -12.68 -10.93
N ARG A 254 -13.29 -12.76 -11.94
CA ARG A 254 -13.27 -13.85 -12.92
C ARG A 254 -12.89 -13.26 -14.28
N ILE A 255 -11.79 -13.75 -14.84
CA ILE A 255 -11.28 -13.21 -16.10
C ILE A 255 -11.93 -13.95 -17.26
N LYS A 256 -12.52 -13.20 -18.19
CA LYS A 256 -13.13 -13.76 -19.39
C LYS A 256 -12.75 -12.91 -20.59
N HIS A 257 -12.76 -13.55 -21.76
CA HIS A 257 -12.37 -12.97 -23.05
C HIS A 257 -10.96 -12.38 -23.00
N VAL A 258 -10.00 -13.27 -22.72
CA VAL A 258 -8.64 -12.88 -22.40
C VAL A 258 -7.72 -13.16 -23.59
N ARG A 259 -6.99 -12.13 -24.00
CA ARG A 259 -5.92 -12.25 -24.99
C ARG A 259 -4.60 -11.91 -24.31
N ALA A 260 -3.61 -12.77 -24.48
CA ALA A 260 -2.33 -12.62 -23.81
C ALA A 260 -1.20 -12.44 -24.83
N TRP A 261 -0.14 -11.77 -24.38
CA TRP A 261 1.02 -11.51 -25.22
C TRP A 261 2.28 -11.55 -24.37
N ILE A 262 3.39 -11.92 -25.01
CA ILE A 262 4.76 -11.88 -24.48
C ILE A 262 4.90 -12.61 -23.15
N PRO A 263 4.97 -13.94 -23.16
CA PRO A 263 5.07 -14.68 -21.88
C PRO A 263 6.39 -14.43 -21.17
N ARG A 264 6.32 -14.46 -19.85
CA ARG A 264 7.42 -14.17 -18.96
C ARG A 264 7.64 -15.34 -18.01
N PRO A 265 8.84 -15.46 -17.43
CA PRO A 265 9.04 -16.46 -16.38
C PRO A 265 8.22 -16.15 -15.12
N LEU A 266 7.86 -17.22 -14.42
CA LEU A 266 7.13 -17.07 -13.16
C LEU A 266 8.07 -16.63 -12.04
N ARG A 267 7.49 -16.34 -10.89
CA ARG A 267 8.25 -15.87 -9.74
C ARG A 267 8.37 -17.00 -8.72
N ASN A 268 9.61 -17.28 -8.30
CA ASN A 268 9.89 -18.28 -7.28
C ASN A 268 10.19 -17.67 -5.92
N GLN A 269 10.12 -16.34 -5.81
CA GLN A 269 10.37 -15.62 -4.58
C GLN A 269 9.05 -15.14 -3.97
N PRO A 270 8.95 -15.07 -2.64
CA PRO A 270 7.72 -14.57 -2.03
C PRO A 270 7.56 -13.07 -2.22
N TYR A 271 6.32 -12.65 -2.43
CA TYR A 271 6.04 -11.23 -2.65
C TYR A 271 6.16 -10.44 -1.36
N LEU A 272 6.68 -9.22 -1.46
CA LEU A 272 6.82 -8.34 -0.31
C LEU A 272 5.94 -7.11 -0.46
N PHE A 273 6.01 -6.40 -1.57
CA PHE A 273 5.24 -5.18 -1.79
C PHE A 273 4.47 -5.29 -3.10
N LYS A 274 3.30 -4.64 -3.14
CA LYS A 274 2.45 -4.71 -4.32
C LYS A 274 2.83 -3.67 -5.37
N THR A 275 3.65 -2.68 -5.00
CA THR A 275 4.02 -1.64 -5.95
C THR A 275 5.12 -2.11 -6.90
N ASN A 276 6.20 -2.66 -6.35
CA ASN A 276 7.34 -3.11 -7.15
C ASN A 276 7.74 -4.49 -6.69
N PRO A 277 8.16 -5.36 -7.63
CA PRO A 277 8.52 -6.75 -7.26
C PRO A 277 9.87 -6.84 -6.53
N ASN A 278 9.85 -6.53 -5.24
CA ASN A 278 11.04 -6.66 -4.42
C ASN A 278 11.13 -8.07 -3.85
N TYR A 279 12.33 -8.43 -3.39
CA TYR A 279 12.58 -9.74 -2.81
C TYR A 279 13.52 -9.59 -1.62
N LYS A 280 13.51 -10.61 -0.76
CA LYS A 280 14.37 -10.60 0.42
C LYS A 280 15.80 -10.94 0.01
N GLY A 281 16.75 -10.12 0.45
CA GLY A 281 18.13 -10.27 0.03
C GLY A 281 18.91 -11.33 0.80
N ASN A 282 18.67 -11.43 2.11
CA ASN A 282 19.42 -12.39 2.92
C ASN A 282 18.94 -13.81 2.70
N ASP A 283 17.62 -14.01 2.68
CA ASP A 283 17.03 -15.33 2.49
C ASP A 283 16.49 -15.42 1.07
N ILE A 284 17.22 -16.12 0.20
CA ILE A 284 16.82 -16.35 -1.18
C ILE A 284 16.62 -17.85 -1.35
N LYS A 285 15.37 -18.27 -1.44
CA LYS A 285 15.07 -19.69 -1.58
C LYS A 285 15.26 -20.14 -3.02
N CYS A 286 15.93 -21.28 -3.19
CA CYS A 286 16.19 -21.81 -4.52
C CYS A 286 14.92 -22.42 -5.11
N THR A 287 14.89 -22.51 -6.44
CA THR A 287 13.71 -23.05 -7.11
C THR A 287 13.67 -24.57 -7.01
N SER A 288 14.83 -25.22 -7.13
CA SER A 288 14.91 -26.68 -7.11
C SER A 288 15.13 -27.18 -5.69
N THR A 289 14.55 -28.34 -5.39
CA THR A 289 14.73 -28.96 -4.08
C THR A 289 16.11 -29.62 -4.01
N SER A 290 16.87 -29.28 -2.98
CA SER A 290 18.22 -29.79 -2.84
C SER A 290 18.22 -31.23 -2.35
N ARG A 291 19.33 -31.92 -2.60
CA ARG A 291 19.53 -33.29 -2.15
C ARG A 291 20.96 -33.45 -1.66
N ASP A 292 21.33 -34.68 -1.32
CA ASP A 292 22.65 -34.94 -0.74
C ASP A 292 23.72 -35.01 -1.82
N LYS A 293 23.61 -35.98 -2.73
CA LYS A 293 24.59 -36.20 -3.79
C LYS A 293 23.90 -36.18 -5.15
N ILE A 294 24.71 -35.98 -6.19
CA ILE A 294 24.17 -35.93 -7.54
C ILE A 294 24.07 -37.34 -8.12
N THR A 295 24.72 -38.32 -7.50
CA THR A 295 24.70 -39.69 -7.97
C THR A 295 23.76 -40.59 -7.16
N THR A 296 23.17 -40.06 -6.09
CA THR A 296 22.25 -40.82 -5.25
C THR A 296 20.82 -40.37 -5.51
N LEU A 297 19.87 -41.24 -5.19
CA LEU A 297 18.46 -40.96 -5.42
C LEU A 297 17.58 -41.73 -4.44
N SER B 10 28.31 -22.86 -45.17
CA SER B 10 27.76 -21.64 -45.74
C SER B 10 26.80 -20.97 -44.77
N ASP B 11 26.18 -21.77 -43.91
CA ASP B 11 25.24 -21.23 -42.93
C ASP B 11 25.94 -20.56 -41.76
N ARG B 12 27.19 -20.91 -41.49
CA ARG B 12 27.92 -20.30 -40.38
C ARG B 12 28.41 -18.90 -40.72
N VAL B 13 28.69 -18.63 -41.99
CA VAL B 13 29.16 -17.32 -42.43
C VAL B 13 27.96 -16.45 -42.73
N ALA B 14 27.88 -15.29 -42.07
CA ALA B 14 26.78 -14.36 -42.24
C ALA B 14 27.32 -12.95 -42.42
N GLN B 15 26.53 -12.11 -43.08
CA GLN B 15 26.89 -10.72 -43.31
C GLN B 15 25.64 -9.85 -43.17
N LEU B 16 25.73 -8.80 -42.36
CA LEU B 16 24.63 -7.89 -42.11
C LEU B 16 25.00 -6.51 -42.63
N THR B 17 24.25 -6.04 -43.63
CA THR B 17 24.48 -4.74 -44.25
C THR B 17 23.25 -3.87 -44.03
N ILE B 18 23.29 -3.02 -43.01
CA ILE B 18 22.21 -2.11 -42.68
C ILE B 18 22.77 -0.70 -42.72
N GLY B 19 22.36 0.09 -43.70
CA GLY B 19 22.85 1.45 -43.80
C GLY B 19 24.27 1.47 -44.37
N ASN B 20 25.14 2.27 -43.74
CA ASN B 20 26.52 2.37 -44.16
C ASN B 20 27.46 1.50 -43.34
N SER B 21 26.93 0.61 -42.50
CA SER B 21 27.74 -0.27 -41.69
C SER B 21 27.60 -1.71 -42.18
N THR B 22 28.63 -2.51 -41.94
CA THR B 22 28.67 -3.90 -42.38
C THR B 22 29.34 -4.74 -41.31
N ILE B 23 28.62 -5.76 -40.83
CA ILE B 23 29.13 -6.69 -39.84
C ILE B 23 29.34 -8.03 -40.52
N THR B 24 30.59 -8.50 -40.52
CA THR B 24 30.97 -9.75 -41.17
C THR B 24 31.52 -10.70 -40.11
N THR B 25 30.89 -11.87 -39.97
CA THR B 25 31.32 -12.88 -39.02
C THR B 25 31.69 -14.16 -39.77
N GLN B 26 32.55 -14.97 -39.13
CA GLN B 26 32.99 -16.21 -39.72
C GLN B 26 32.23 -17.39 -39.13
N GLU B 27 32.27 -17.53 -37.81
CA GLU B 27 31.58 -18.60 -37.10
C GLU B 27 30.43 -18.01 -36.29
N ALA B 28 29.20 -18.30 -36.71
CA ALA B 28 28.02 -17.78 -36.03
C ALA B 28 26.86 -18.72 -36.29
N ALA B 29 25.84 -18.62 -35.44
CA ALA B 29 24.63 -19.41 -35.58
C ALA B 29 23.64 -18.66 -36.47
N ASN B 30 22.39 -19.14 -36.51
CA ASN B 30 21.37 -18.51 -37.32
C ASN B 30 20.88 -17.21 -36.66
N ILE B 31 20.16 -16.41 -37.43
CA ILE B 31 19.61 -15.14 -36.96
C ILE B 31 18.27 -15.41 -36.30
N VAL B 32 18.11 -14.95 -35.07
CA VAL B 32 16.91 -15.21 -34.27
C VAL B 32 15.95 -14.04 -34.45
N ILE B 33 14.79 -14.32 -35.01
CA ILE B 33 13.71 -13.34 -35.10
C ILE B 33 12.86 -13.47 -33.85
N ALA B 34 12.63 -12.36 -33.16
CA ALA B 34 11.84 -12.38 -31.92
C ALA B 34 10.37 -12.60 -32.24
N TYR B 35 9.84 -13.75 -31.82
CA TYR B 35 8.43 -14.15 -31.94
C TYR B 35 7.97 -14.23 -33.40
N GLY B 36 8.90 -14.45 -34.32
CA GLY B 36 8.57 -14.59 -35.73
C GLY B 36 8.00 -13.35 -36.38
N GLU B 37 8.40 -12.17 -35.91
CA GLU B 37 7.85 -10.91 -36.39
C GLU B 37 8.97 -10.02 -36.88
N TRP B 38 8.99 -9.73 -38.18
CA TRP B 38 9.93 -8.78 -38.75
C TRP B 38 9.48 -7.35 -38.45
N PRO B 39 10.42 -6.45 -38.14
CA PRO B 39 10.02 -5.07 -37.84
C PRO B 39 9.54 -4.32 -39.07
N GLU B 40 8.41 -3.63 -38.93
CA GLU B 40 7.79 -2.90 -40.02
C GLU B 40 7.29 -1.56 -39.50
N TYR B 41 6.90 -0.68 -40.44
CA TYR B 41 6.39 0.63 -40.10
C TYR B 41 5.01 0.54 -39.47
N CYS B 42 4.58 1.63 -38.85
CA CYS B 42 3.27 1.68 -38.22
C CYS B 42 2.18 1.78 -39.28
N PRO B 43 1.22 0.86 -39.32
CA PRO B 43 0.17 0.93 -40.33
C PRO B 43 -0.84 2.03 -40.02
N ASP B 44 -1.64 2.36 -41.03
CA ASP B 44 -2.63 3.43 -40.90
C ASP B 44 -3.82 3.01 -40.04
N THR B 45 -4.04 1.70 -39.87
CA THR B 45 -5.16 1.24 -39.05
C THR B 45 -4.86 1.42 -37.57
N ASP B 46 -3.65 1.08 -37.14
CA ASP B 46 -3.28 1.13 -35.74
C ASP B 46 -2.72 2.48 -35.30
N ALA B 47 -2.48 3.39 -36.24
CA ALA B 47 -1.90 4.69 -35.91
C ALA B 47 -2.96 5.59 -35.26
N THR B 48 -2.60 6.20 -34.14
CA THR B 48 -3.49 7.12 -33.44
C THR B 48 -3.03 8.57 -33.53
N ALA B 49 -1.76 8.82 -33.86
CA ALA B 49 -1.23 10.17 -33.97
C ALA B 49 -1.58 10.76 -35.33
N VAL B 50 -2.16 11.96 -35.33
CA VAL B 50 -2.62 12.57 -36.58
C VAL B 50 -1.53 13.35 -37.29
N ASP B 51 -0.42 13.66 -36.61
CA ASP B 51 0.66 14.39 -37.26
C ASP B 51 1.47 13.47 -38.17
N LYS B 52 2.25 14.08 -39.06
CA LYS B 52 3.04 13.33 -40.02
C LYS B 52 4.42 13.05 -39.43
N PRO B 53 4.80 11.80 -39.23
CA PRO B 53 6.14 11.51 -38.71
C PRO B 53 7.17 11.45 -39.81
N THR B 54 8.43 11.62 -39.41
CA THR B 54 9.57 11.53 -40.31
C THR B 54 10.24 10.17 -40.16
N ARG B 55 10.71 9.63 -41.29
CA ARG B 55 11.33 8.30 -41.33
C ARG B 55 12.70 8.40 -41.98
N PRO B 56 13.74 8.73 -41.22
CA PRO B 56 15.10 8.70 -41.77
C PRO B 56 15.64 7.28 -41.77
N ASP B 57 16.36 6.93 -42.83
CA ASP B 57 16.85 5.57 -43.04
C ASP B 57 18.37 5.52 -43.00
N VAL B 58 19.06 6.34 -43.80
CA VAL B 58 20.51 6.21 -43.91
C VAL B 58 21.22 6.88 -42.75
N SER B 59 20.52 7.73 -42.00
CA SER B 59 21.12 8.47 -40.89
C SER B 59 20.81 7.86 -39.54
N VAL B 60 19.92 6.89 -39.46
CA VAL B 60 19.52 6.32 -38.17
C VAL B 60 19.74 4.81 -38.19
N ASN B 61 19.20 4.13 -39.20
CA ASN B 61 19.25 2.67 -39.28
C ASN B 61 20.66 2.23 -39.66
N ARG B 62 21.54 2.14 -38.66
CA ARG B 62 22.90 1.68 -38.87
C ARG B 62 23.42 1.10 -37.56
N PHE B 63 24.51 0.36 -37.66
CA PHE B 63 25.07 -0.30 -36.48
C PHE B 63 25.81 0.69 -35.60
N PHE B 64 25.48 0.69 -34.31
CA PHE B 64 26.09 1.55 -33.31
C PHE B 64 26.82 0.67 -32.30
N THR B 65 28.14 0.79 -32.25
CA THR B 65 28.96 0.00 -31.34
C THR B 65 28.96 0.65 -29.96
N LEU B 66 28.61 -0.12 -28.94
CA LEU B 66 28.59 0.36 -27.57
C LEU B 66 29.96 0.16 -26.92
N ASP B 67 30.03 0.32 -25.61
CA ASP B 67 31.28 0.16 -24.89
C ASP B 67 31.65 -1.33 -24.79
N THR B 68 32.94 -1.56 -24.48
CA THR B 68 33.49 -2.90 -24.44
C THR B 68 33.59 -3.37 -22.99
N LYS B 69 33.03 -4.55 -22.71
CA LYS B 69 33.09 -5.14 -21.39
C LYS B 69 34.31 -6.05 -21.27
N SER B 70 34.55 -6.54 -20.06
CA SER B 70 35.65 -7.46 -19.79
C SER B 70 35.11 -8.66 -19.05
N TRP B 71 35.28 -9.85 -19.65
CA TRP B 71 34.78 -11.10 -19.09
C TRP B 71 35.90 -11.72 -18.27
N ALA B 72 35.69 -11.80 -16.95
CA ALA B 72 36.62 -12.40 -16.02
C ALA B 72 36.08 -13.76 -15.56
N LYS B 73 36.82 -14.40 -14.66
CA LYS B 73 36.40 -15.70 -14.14
C LYS B 73 35.28 -15.55 -13.12
N ASP B 74 35.27 -14.43 -12.39
CA ASP B 74 34.26 -14.16 -11.38
C ASP B 74 33.21 -13.15 -11.85
N SER B 75 32.91 -13.12 -13.15
CA SER B 75 31.92 -12.18 -13.66
C SER B 75 30.51 -12.62 -13.30
N LYS B 76 29.68 -11.65 -12.92
CA LYS B 76 28.30 -11.94 -12.54
C LYS B 76 27.35 -11.78 -13.73
N GLY B 77 27.43 -10.65 -14.42
CA GLY B 77 26.57 -10.42 -15.58
C GLY B 77 26.41 -8.93 -15.82
N TRP B 78 25.92 -8.62 -17.02
CA TRP B 78 25.70 -7.23 -17.41
C TRP B 78 24.33 -7.13 -18.09
N TYR B 79 23.79 -5.92 -18.12
CA TYR B 79 22.51 -5.67 -18.75
C TYR B 79 22.48 -4.26 -19.32
N TRP B 80 21.86 -4.12 -20.49
CA TRP B 80 21.69 -2.83 -21.14
C TRP B 80 20.21 -2.57 -21.36
N LYS B 81 19.81 -1.31 -21.19
CA LYS B 81 18.44 -0.88 -21.38
C LYS B 81 18.30 -0.21 -22.74
N PHE B 82 17.35 -0.69 -23.54
CA PHE B 82 17.12 -0.13 -24.86
C PHE B 82 15.78 0.59 -24.89
N PRO B 83 15.71 1.77 -25.53
CA PRO B 83 16.77 2.49 -26.24
C PRO B 83 17.52 3.52 -25.39
N ASP B 84 17.88 3.16 -24.15
CA ASP B 84 18.54 4.11 -23.27
C ASP B 84 20.02 4.27 -23.62
N VAL B 85 20.60 3.30 -24.34
CA VAL B 85 22.03 3.37 -24.65
C VAL B 85 22.28 4.31 -25.82
N LEU B 86 21.24 4.69 -26.56
CA LEU B 86 21.39 5.49 -27.75
C LEU B 86 20.65 6.83 -27.68
N THR B 87 20.42 7.36 -26.48
CA THR B 87 19.76 8.66 -26.37
C THR B 87 20.75 9.80 -26.58
N GLU B 88 22.04 9.52 -26.53
CA GLU B 88 23.08 10.54 -26.69
C GLU B 88 24.08 10.20 -27.79
N VAL B 89 23.80 9.19 -28.62
CA VAL B 89 24.75 8.71 -29.61
C VAL B 89 24.17 8.97 -31.00
N GLY B 90 24.91 9.75 -31.80
CA GLY B 90 24.58 9.92 -33.21
C GLY B 90 23.36 10.80 -33.47
N VAL B 91 22.86 10.68 -34.70
CA VAL B 91 21.69 11.44 -35.10
C VAL B 91 20.41 10.85 -34.50
N PHE B 92 20.46 9.57 -34.14
CA PHE B 92 19.32 8.93 -33.49
C PHE B 92 19.10 9.49 -32.08
N GLY B 93 20.19 9.87 -31.40
CA GLY B 93 20.05 10.45 -30.07
C GLY B 93 19.51 11.86 -30.10
N GLN B 94 19.86 12.63 -31.14
CA GLN B 94 19.38 14.00 -31.24
C GLN B 94 17.92 14.04 -31.72
N ASN B 95 17.53 13.09 -32.56
CA ASN B 95 16.14 13.04 -33.02
C ASN B 95 15.22 12.51 -31.93
N ALA B 96 15.74 11.72 -31.00
CA ALA B 96 14.91 11.23 -29.89
C ALA B 96 14.64 12.34 -28.88
N GLN B 97 15.55 13.31 -28.77
CA GLN B 97 15.35 14.42 -27.84
C GLN B 97 14.48 15.52 -28.44
N PHE B 98 14.48 15.67 -29.76
CA PHE B 98 13.68 16.68 -30.43
C PHE B 98 12.26 16.23 -30.73
N HIS B 99 11.95 14.95 -30.55
CA HIS B 99 10.64 14.40 -30.85
C HIS B 99 10.04 13.75 -29.62
N TYR B 100 8.71 13.81 -29.51
CA TYR B 100 8.03 13.25 -28.35
C TYR B 100 7.65 11.79 -28.58
N LEU B 101 7.31 11.42 -29.81
CA LEU B 101 6.91 10.06 -30.13
C LEU B 101 8.06 9.31 -30.79
N TYR B 102 8.09 7.99 -30.59
CA TYR B 102 9.17 7.15 -31.08
C TYR B 102 8.67 5.72 -31.25
N ARG B 103 9.08 5.08 -32.34
CA ARG B 103 8.78 3.68 -32.61
C ARG B 103 9.83 3.11 -33.55
N SER B 104 10.50 2.05 -33.10
CA SER B 104 11.55 1.43 -33.92
C SER B 104 11.77 0.00 -33.46
N GLY B 105 12.22 -0.83 -34.39
CA GLY B 105 12.74 -2.14 -34.07
C GLY B 105 14.25 -2.09 -33.92
N PHE B 106 14.81 -3.13 -33.31
CA PHE B 106 16.22 -3.15 -32.97
C PHE B 106 16.88 -4.43 -33.45
N CYS B 107 18.15 -4.32 -33.82
CA CYS B 107 18.98 -5.44 -34.23
C CYS B 107 20.11 -5.56 -33.23
N VAL B 108 20.04 -6.57 -32.36
CA VAL B 108 21.03 -6.79 -31.31
C VAL B 108 22.07 -7.78 -31.82
N HIS B 109 23.34 -7.39 -31.75
CA HIS B 109 24.43 -8.25 -32.17
C HIS B 109 25.52 -8.20 -31.11
N VAL B 110 25.78 -9.36 -30.49
CA VAL B 110 26.79 -9.48 -29.44
C VAL B 110 27.98 -10.25 -29.99
N GLN B 111 29.17 -9.67 -29.83
CA GLN B 111 30.40 -10.25 -30.35
C GLN B 111 31.30 -10.64 -29.17
N CYS B 112 31.66 -11.92 -29.09
CA CYS B 112 32.56 -12.42 -28.06
C CYS B 112 33.40 -13.54 -28.65
N ASN B 113 34.66 -13.26 -28.93
CA ASN B 113 35.57 -14.21 -29.55
C ASN B 113 36.59 -14.71 -28.54
N ALA B 114 37.02 -15.95 -28.71
CA ALA B 114 38.02 -16.56 -27.85
C ALA B 114 38.74 -17.65 -28.63
N SER B 115 39.82 -18.15 -28.04
CA SER B 115 40.61 -19.19 -28.67
C SER B 115 39.95 -20.55 -28.49
N LYS B 116 40.53 -21.57 -29.13
CA LYS B 116 40.01 -22.92 -29.03
C LYS B 116 40.39 -23.62 -27.73
N PHE B 117 41.34 -23.08 -26.97
CA PHE B 117 41.72 -23.64 -25.68
C PHE B 117 40.88 -23.11 -24.54
N HIS B 118 40.07 -22.08 -24.76
CA HIS B 118 39.19 -21.54 -23.74
C HIS B 118 37.87 -22.30 -23.73
N GLN B 119 37.07 -22.06 -22.69
CA GLN B 119 35.76 -22.68 -22.58
C GLN B 119 34.84 -21.75 -21.81
N GLY B 120 33.54 -21.87 -22.08
CA GLY B 120 32.56 -21.03 -21.45
C GLY B 120 31.38 -20.80 -22.37
N ALA B 121 30.26 -20.43 -21.75
CA ALA B 121 29.03 -20.19 -22.49
C ALA B 121 28.34 -18.95 -21.96
N LEU B 122 27.79 -18.16 -22.87
CA LEU B 122 27.06 -16.94 -22.54
C LEU B 122 25.61 -17.08 -22.94
N LEU B 123 24.71 -16.54 -22.12
CA LEU B 123 23.28 -16.56 -22.39
C LEU B 123 22.83 -15.13 -22.70
N VAL B 124 22.58 -14.85 -23.97
CA VAL B 124 22.10 -13.55 -24.41
C VAL B 124 20.61 -13.65 -24.63
N ALA B 125 19.83 -12.89 -23.84
CA ALA B 125 18.39 -12.95 -23.88
C ALA B 125 17.81 -11.54 -24.04
N VAL B 126 16.57 -11.49 -24.50
CA VAL B 126 15.84 -10.25 -24.72
C VAL B 126 14.59 -10.29 -23.86
N LEU B 127 14.49 -9.36 -22.91
CA LEU B 127 13.37 -9.36 -21.97
C LEU B 127 12.54 -8.09 -22.14
N PRO B 128 11.34 -8.17 -22.70
CA PRO B 128 10.47 -6.99 -22.76
C PRO B 128 9.91 -6.67 -21.38
N GLU B 129 9.95 -5.37 -21.03
CA GLU B 129 9.50 -4.81 -19.76
C GLU B 129 10.22 -5.48 -18.58
N TYR B 130 11.54 -5.31 -18.59
CA TYR B 130 12.41 -5.88 -17.56
C TYR B 130 12.52 -4.86 -16.42
N VAL B 131 11.68 -5.02 -15.40
CA VAL B 131 11.62 -4.09 -14.27
C VAL B 131 12.57 -4.59 -13.18
N LEU B 132 13.47 -3.70 -12.74
CA LEU B 132 14.45 -4.01 -11.72
C LEU B 132 13.84 -3.81 -10.33
N GLY B 133 13.99 -4.82 -9.47
CA GLY B 133 13.57 -4.72 -8.10
C GLY B 133 14.73 -4.34 -7.19
N THR B 134 14.50 -4.52 -5.89
CA THR B 134 15.51 -4.22 -4.89
C THR B 134 15.53 -5.33 -3.85
N ILE B 135 16.66 -5.46 -3.16
CA ILE B 135 16.79 -6.48 -2.12
C ILE B 135 16.17 -6.06 -0.80
N ALA B 136 15.71 -4.80 -0.70
CA ALA B 136 15.04 -4.24 0.48
C ALA B 136 15.91 -4.31 1.74
N GLY B 137 17.22 -4.12 1.55
CA GLY B 137 18.15 -4.13 2.65
C GLY B 137 18.48 -5.50 3.22
N GLY B 138 17.99 -6.57 2.62
CA GLY B 138 18.22 -7.91 3.11
C GLY B 138 17.17 -8.42 4.08
N THR B 139 16.51 -7.54 4.82
CA THR B 139 15.49 -7.98 5.77
C THR B 139 14.10 -8.03 5.15
N GLY B 140 13.80 -7.11 4.23
CA GLY B 140 12.50 -7.06 3.60
C GLY B 140 11.46 -6.26 4.34
N ASN B 141 11.82 -5.56 5.40
CA ASN B 141 10.87 -4.77 6.17
C ASN B 141 10.85 -3.31 5.76
N GLU B 142 11.72 -2.89 4.85
CA GLU B 142 11.76 -1.51 4.37
C GLU B 142 11.50 -1.48 2.87
N ASN B 143 10.98 -0.35 2.41
CA ASN B 143 10.63 -0.15 1.00
C ASN B 143 11.73 0.66 0.34
N SER B 144 12.44 0.05 -0.60
CA SER B 144 13.53 0.70 -1.31
C SER B 144 13.32 0.54 -2.82
N HIS B 145 13.77 1.53 -3.57
CA HIS B 145 13.62 1.56 -5.01
C HIS B 145 14.97 1.75 -5.69
N PRO B 146 15.19 1.17 -6.87
CA PRO B 146 16.47 1.33 -7.56
C PRO B 146 16.63 2.74 -8.10
N PRO B 147 17.83 3.33 -7.97
CA PRO B 147 18.01 4.72 -8.40
C PRO B 147 18.12 4.90 -9.91
N TYR B 148 18.41 6.13 -10.35
CA TYR B 148 18.47 6.44 -11.77
C TYR B 148 19.71 5.83 -12.43
N ALA B 149 20.76 5.57 -11.66
CA ALA B 149 21.99 5.02 -12.24
C ALA B 149 21.84 3.55 -12.56
N THR B 150 20.90 2.86 -11.90
CA THR B 150 20.72 1.44 -12.14
C THR B 150 19.59 1.18 -13.13
N THR B 151 18.52 1.97 -13.08
CA THR B 151 17.40 1.77 -13.99
C THR B 151 17.75 2.22 -15.41
N GLN B 152 18.45 3.35 -15.54
CA GLN B 152 18.93 3.85 -16.82
C GLN B 152 20.43 4.05 -16.72
N PRO B 153 21.22 3.00 -16.94
CA PRO B 153 22.68 3.14 -16.81
C PRO B 153 23.33 3.88 -17.96
N GLY B 154 22.64 4.01 -19.09
CA GLY B 154 23.23 4.65 -20.25
C GLY B 154 23.91 3.63 -21.16
N GLN B 155 24.84 4.15 -21.97
CA GLN B 155 25.55 3.30 -22.92
C GLN B 155 26.62 2.44 -22.24
N VAL B 156 26.98 2.74 -20.99
CA VAL B 156 27.99 1.96 -20.29
C VAL B 156 27.40 0.64 -19.83
N GLY B 157 26.28 0.69 -19.10
CA GLY B 157 25.66 -0.49 -18.55
C GLY B 157 26.00 -0.68 -17.08
N ALA B 158 25.29 -1.63 -16.46
CA ALA B 158 25.46 -1.92 -15.05
C ALA B 158 25.69 -3.41 -14.85
N VAL B 159 26.10 -3.76 -13.63
CA VAL B 159 26.45 -5.14 -13.28
C VAL B 159 25.35 -5.69 -12.37
N LEU B 160 24.90 -6.91 -12.69
CA LEU B 160 23.89 -7.58 -11.89
C LEU B 160 24.50 -8.04 -10.57
N THR B 161 23.87 -7.66 -9.46
CA THR B 161 24.34 -8.08 -8.15
C THR B 161 23.86 -9.48 -7.77
N HIS B 162 22.80 -9.97 -8.42
CA HIS B 162 22.29 -11.32 -8.18
C HIS B 162 21.86 -11.91 -9.51
N PRO B 163 22.73 -12.69 -10.15
CA PRO B 163 22.39 -13.24 -11.48
C PRO B 163 21.38 -14.37 -11.44
N TYR B 164 21.13 -14.97 -10.27
CA TYR B 164 20.19 -16.08 -10.21
C TYR B 164 18.75 -15.59 -10.26
N VAL B 165 18.43 -14.54 -9.51
CA VAL B 165 17.09 -13.98 -9.52
C VAL B 165 16.94 -12.81 -10.47
N LEU B 166 18.06 -12.31 -11.03
CA LEU B 166 18.13 -11.25 -12.04
C LEU B 166 17.50 -9.93 -11.57
N ASP B 167 17.52 -9.69 -10.25
CA ASP B 167 16.98 -8.50 -9.58
C ASP B 167 15.50 -8.27 -9.89
N ALA B 168 14.75 -9.32 -10.19
CA ALA B 168 13.32 -9.23 -10.45
C ALA B 168 12.50 -10.33 -9.79
N GLY B 169 13.17 -11.34 -9.22
CA GLY B 169 12.46 -12.45 -8.64
C GLY B 169 12.16 -13.60 -9.58
N ILE B 170 12.68 -13.53 -10.80
CA ILE B 170 12.45 -14.58 -11.80
C ILE B 170 13.72 -15.43 -11.91
N PRO B 171 13.61 -16.74 -12.08
CA PRO B 171 14.82 -17.57 -12.17
C PRO B 171 15.51 -17.42 -13.51
N LEU B 172 16.80 -17.74 -13.52
CA LEU B 172 17.59 -17.72 -14.75
C LEU B 172 17.29 -18.92 -15.63
N SER B 173 16.77 -20.01 -15.05
CA SER B 173 16.54 -21.23 -15.80
C SER B 173 15.35 -21.10 -16.75
N GLN B 174 14.37 -20.26 -16.42
CA GLN B 174 13.21 -20.04 -17.26
C GLN B 174 13.39 -18.90 -18.25
N LEU B 175 14.63 -18.40 -18.41
CA LEU B 175 14.83 -17.21 -19.23
C LEU B 175 14.85 -17.54 -20.72
N THR B 176 14.94 -18.84 -21.06
CA THR B 176 15.01 -19.23 -22.47
C THR B 176 13.64 -19.26 -23.15
N VAL B 177 12.56 -18.94 -22.43
CA VAL B 177 11.26 -18.78 -23.08
C VAL B 177 11.20 -17.44 -23.81
N CYS B 178 12.09 -16.51 -23.44
CA CYS B 178 12.27 -15.27 -24.16
C CYS B 178 13.05 -15.54 -25.45
N PRO B 179 12.99 -14.62 -26.42
CA PRO B 179 13.86 -14.75 -27.60
C PRO B 179 15.33 -14.59 -27.21
N HIS B 180 16.07 -15.69 -27.35
CA HIS B 180 17.44 -15.76 -26.86
C HIS B 180 18.32 -16.44 -27.90
N GLN B 181 19.62 -16.41 -27.64
CA GLN B 181 20.62 -17.07 -28.47
C GLN B 181 21.88 -17.30 -27.64
N TRP B 182 22.30 -18.55 -27.55
CA TRP B 182 23.47 -18.89 -26.74
C TRP B 182 24.77 -18.55 -27.49
N ILE B 183 25.76 -18.11 -26.72
CA ILE B 183 27.11 -17.90 -27.24
C ILE B 183 28.03 -18.86 -26.50
N ASN B 184 28.30 -20.01 -27.11
CA ASN B 184 29.22 -21.00 -26.58
C ASN B 184 30.52 -20.90 -27.37
N LEU B 185 31.64 -20.76 -26.66
CA LEU B 185 32.92 -20.49 -27.29
C LEU B 185 33.46 -21.68 -28.08
N ARG B 186 32.90 -22.88 -27.86
CA ARG B 186 33.30 -24.04 -28.63
C ARG B 186 32.81 -23.98 -30.07
N THR B 187 31.65 -23.36 -30.32
CA THR B 187 31.03 -23.40 -31.64
C THR B 187 31.01 -22.02 -32.30
N ASN B 188 30.42 -21.00 -31.67
CA ASN B 188 30.16 -19.73 -32.31
C ASN B 188 30.71 -18.57 -31.48
N ASN B 189 31.00 -17.46 -32.14
CA ASN B 189 31.50 -16.27 -31.49
C ASN B 189 30.56 -15.07 -31.59
N CYS B 190 29.41 -15.23 -32.24
CA CYS B 190 28.48 -14.13 -32.44
C CYS B 190 27.05 -14.61 -32.23
N ALA B 191 26.15 -13.65 -32.04
CA ALA B 191 24.72 -13.91 -31.89
C ALA B 191 23.95 -12.70 -32.37
N THR B 192 22.92 -12.93 -33.19
CA THR B 192 22.13 -11.86 -33.77
C THR B 192 20.66 -12.10 -33.47
N ILE B 193 20.04 -11.15 -32.76
CA ILE B 193 18.63 -11.23 -32.41
C ILE B 193 17.94 -10.00 -32.97
N ILE B 194 16.93 -10.21 -33.80
CA ILE B 194 16.13 -9.14 -34.39
C ILE B 194 14.89 -8.95 -33.54
N VAL B 195 14.76 -7.78 -32.92
CA VAL B 195 13.67 -7.49 -31.99
C VAL B 195 12.80 -6.41 -32.63
N PRO B 196 11.53 -6.68 -32.90
CA PRO B 196 10.62 -5.64 -33.39
C PRO B 196 10.06 -4.81 -32.24
N TYR B 197 9.17 -3.89 -32.59
CA TYR B 197 8.52 -3.04 -31.61
C TYR B 197 7.40 -3.81 -30.92
N MET B 198 7.49 -3.95 -29.60
CA MET B 198 6.52 -4.69 -28.81
C MET B 198 6.05 -3.81 -27.65
N ASN B 199 4.86 -3.25 -27.79
CA ASN B 199 4.29 -2.40 -26.76
C ASN B 199 2.79 -2.37 -26.93
N THR B 200 2.09 -1.92 -25.88
CA THR B 200 0.64 -1.74 -25.94
C THR B 200 0.24 -0.44 -26.61
N VAL B 201 1.20 0.42 -26.95
CA VAL B 201 0.93 1.70 -27.58
C VAL B 201 1.57 1.72 -28.96
N PRO B 202 1.02 2.46 -29.93
CA PRO B 202 1.72 2.59 -31.22
C PRO B 202 3.02 3.37 -31.11
N PHE B 203 2.98 4.54 -30.48
CA PHE B 203 4.16 5.37 -30.27
C PHE B 203 4.36 5.58 -28.78
N ASP B 204 5.62 5.76 -28.37
CA ASP B 204 5.95 6.00 -26.98
C ASP B 204 7.27 6.75 -26.91
N SER B 205 7.41 7.59 -25.87
CA SER B 205 8.61 8.39 -25.71
C SER B 205 9.77 7.52 -25.23
N ALA B 206 10.94 7.73 -25.83
CA ALA B 206 12.10 6.91 -25.49
C ALA B 206 12.80 7.38 -24.23
N LEU B 207 12.54 8.61 -23.79
CA LEU B 207 13.25 9.14 -22.63
C LEU B 207 12.67 8.63 -21.31
N ASN B 208 11.35 8.45 -21.26
CA ASN B 208 10.70 8.06 -20.01
C ASN B 208 10.42 6.56 -19.92
N HIS B 209 10.40 5.84 -21.03
CA HIS B 209 10.04 4.44 -21.03
C HIS B 209 11.06 3.64 -21.83
N CYS B 210 11.38 2.46 -21.32
CA CYS B 210 12.26 1.51 -22.01
C CYS B 210 11.41 0.37 -22.53
N ASN B 211 11.58 0.05 -23.82
CA ASN B 211 10.75 -0.98 -24.44
C ASN B 211 11.17 -2.37 -23.97
N PHE B 212 12.46 -2.67 -24.06
CA PHE B 212 12.97 -3.98 -23.66
C PHE B 212 14.41 -3.81 -23.20
N GLY B 213 15.01 -4.90 -22.73
CA GLY B 213 16.38 -4.85 -22.25
C GLY B 213 17.15 -6.10 -22.63
N LEU B 214 18.47 -5.97 -22.61
CA LEU B 214 19.38 -7.05 -22.94
C LEU B 214 19.92 -7.67 -21.66
N LEU B 215 20.18 -8.98 -21.71
CA LEU B 215 20.70 -9.72 -20.56
C LEU B 215 21.76 -10.69 -21.03
N VAL B 216 23.01 -10.42 -20.65
CA VAL B 216 24.15 -11.29 -20.98
C VAL B 216 24.71 -11.81 -19.66
N ILE B 217 24.46 -13.08 -19.37
CA ILE B 217 24.84 -13.70 -18.10
C ILE B 217 25.80 -14.84 -18.39
N PRO B 218 26.97 -14.88 -17.74
CA PRO B 218 27.91 -16.03 -17.86
C PRO B 218 27.45 -17.24 -17.04
N VAL B 219 26.59 -18.05 -17.67
CA VAL B 219 26.06 -19.25 -17.02
C VAL B 219 27.17 -20.27 -16.79
N VAL B 220 27.98 -20.53 -17.81
CA VAL B 220 29.18 -21.36 -17.69
C VAL B 220 30.37 -20.42 -17.49
N PRO B 221 31.14 -20.58 -16.40
CA PRO B 221 32.25 -19.65 -16.14
C PRO B 221 33.41 -19.85 -17.11
N LEU B 222 34.22 -18.81 -17.27
CA LEU B 222 35.39 -18.84 -18.13
C LEU B 222 36.55 -19.49 -17.39
N ASP B 223 37.11 -20.55 -17.99
CA ASP B 223 38.20 -21.29 -17.37
C ASP B 223 39.28 -21.56 -18.42
N PHE B 224 40.53 -21.23 -18.08
CA PHE B 224 41.65 -21.44 -18.97
C PHE B 224 42.91 -21.62 -18.14
N ASN B 225 43.89 -22.33 -18.70
CA ASN B 225 45.15 -22.54 -18.00
C ASN B 225 46.01 -21.28 -18.04
N ALA B 226 47.08 -21.30 -17.24
CA ALA B 226 47.98 -20.16 -17.18
C ALA B 226 48.83 -20.08 -18.44
N GLY B 227 48.98 -18.86 -18.95
CA GLY B 227 49.75 -18.62 -20.16
C GLY B 227 48.91 -18.19 -21.35
N ALA B 228 47.60 -18.37 -21.30
CA ALA B 228 46.72 -17.99 -22.40
C ALA B 228 46.30 -16.53 -22.24
N THR B 229 45.42 -16.07 -23.13
CA THR B 229 44.92 -14.71 -23.09
C THR B 229 43.90 -14.58 -21.96
N SER B 230 44.17 -13.66 -21.02
CA SER B 230 43.30 -13.46 -19.87
C SER B 230 42.25 -12.39 -20.08
N GLU B 231 42.31 -11.64 -21.19
CA GLU B 231 41.37 -10.58 -21.49
C GLU B 231 40.43 -11.04 -22.60
N ILE B 232 39.16 -11.19 -22.28
CA ILE B 232 38.15 -11.58 -23.26
C ILE B 232 37.13 -10.46 -23.40
N PRO B 233 37.15 -9.71 -24.50
CA PRO B 233 36.22 -8.59 -24.64
C PRO B 233 34.84 -9.05 -25.09
N ILE B 234 33.83 -8.30 -24.63
CA ILE B 234 32.44 -8.51 -25.02
C ILE B 234 31.90 -7.18 -25.53
N THR B 235 31.56 -7.12 -26.81
CA THR B 235 31.06 -5.91 -27.45
C THR B 235 29.63 -6.14 -27.93
N VAL B 236 28.82 -5.09 -27.85
CA VAL B 236 27.43 -5.11 -28.28
C VAL B 236 27.24 -4.03 -29.33
N THR B 237 26.83 -4.41 -30.54
CA THR B 237 26.55 -3.47 -31.62
C THR B 237 25.06 -3.49 -31.89
N ILE B 238 24.39 -2.39 -31.56
CA ILE B 238 22.93 -2.27 -31.68
C ILE B 238 22.60 -1.43 -32.90
N ALA B 239 21.61 -1.88 -33.68
CA ALA B 239 21.21 -1.20 -34.91
C ALA B 239 19.71 -0.98 -34.91
N PRO B 240 19.22 0.25 -35.02
CA PRO B 240 17.77 0.47 -35.12
C PRO B 240 17.25 0.07 -36.49
N MET B 241 15.99 -0.35 -36.51
CA MET B 241 15.31 -0.73 -37.75
C MET B 241 13.92 -0.12 -37.78
N CYS B 242 13.62 0.59 -38.87
CA CYS B 242 12.32 1.20 -39.15
C CYS B 242 11.91 2.20 -38.06
N ALA B 243 12.71 3.25 -37.95
CA ALA B 243 12.52 4.27 -36.92
C ALA B 243 11.55 5.34 -37.40
N GLU B 244 10.66 5.76 -36.50
CA GLU B 244 9.68 6.80 -36.77
C GLU B 244 9.70 7.81 -35.64
N PHE B 245 9.70 9.10 -35.98
CA PHE B 245 9.77 10.18 -35.01
C PHE B 245 8.64 11.16 -35.29
N ALA B 246 7.80 11.39 -34.28
CA ALA B 246 6.67 12.31 -34.41
C ALA B 246 6.65 13.23 -33.20
N GLY B 247 5.90 14.33 -33.32
CA GLY B 247 5.78 15.30 -32.25
C GLY B 247 7.04 16.12 -32.02
N LEU B 248 7.37 16.98 -32.99
CA LEU B 248 8.58 17.78 -32.91
C LEU B 248 8.46 18.83 -31.80
N ARG B 249 9.47 18.88 -30.93
CA ARG B 249 9.45 19.74 -29.76
C ARG B 249 10.84 20.36 -29.57
N GLN B 250 11.07 20.93 -28.40
CA GLN B 250 12.35 21.53 -28.07
C GLN B 250 13.34 20.45 -27.62
N ALA B 251 14.51 20.90 -27.18
CA ALA B 251 15.54 19.99 -26.70
C ALA B 251 15.22 19.55 -25.28
N VAL B 252 14.98 18.25 -25.11
CA VAL B 252 14.66 17.66 -23.81
C VAL B 252 15.70 16.58 -23.54
N LYS B 253 16.51 16.78 -22.49
CA LYS B 253 17.53 15.79 -22.14
C LYS B 253 16.95 14.66 -21.30
N GLN B 254 16.35 14.99 -20.16
CA GLN B 254 15.76 13.99 -19.29
C GLN B 254 14.27 14.26 -19.07
N GLY C 1 -47.13 -14.49 -15.87
CA GLY C 1 -46.52 -15.27 -14.81
C GLY C 1 -46.48 -16.76 -15.12
N ILE C 2 -45.30 -17.25 -15.49
CA ILE C 2 -45.12 -18.65 -15.85
C ILE C 2 -44.90 -19.47 -14.58
N PRO C 3 -45.36 -20.73 -14.54
CA PRO C 3 -45.07 -21.56 -13.37
C PRO C 3 -43.62 -21.99 -13.34
N THR C 4 -43.03 -21.96 -12.14
CA THR C 4 -41.61 -22.22 -11.98
C THR C 4 -41.35 -22.77 -10.58
N GLU C 5 -40.72 -23.94 -10.51
CA GLU C 5 -40.27 -24.51 -9.25
C GLU C 5 -38.75 -24.45 -9.19
N LEU C 6 -38.23 -23.90 -8.10
CA LEU C 6 -36.78 -23.78 -7.94
C LEU C 6 -36.17 -25.14 -7.59
N LYS C 7 -34.92 -25.31 -8.01
CA LYS C 7 -34.16 -26.54 -7.87
C LYS C 7 -33.02 -26.33 -6.90
N PRO C 8 -32.42 -27.41 -6.37
CA PRO C 8 -31.17 -27.25 -5.61
C PRO C 8 -30.06 -26.67 -6.46
N GLY C 9 -29.28 -25.78 -5.85
CA GLY C 9 -28.39 -24.89 -6.56
C GLY C 9 -28.80 -23.44 -6.50
N THR C 10 -29.92 -23.14 -5.83
CA THR C 10 -30.37 -21.76 -5.66
C THR C 10 -29.45 -21.03 -4.70
N ASN C 11 -29.11 -19.78 -5.07
CA ASN C 11 -28.23 -18.88 -4.30
C ASN C 11 -26.85 -19.48 -4.08
N GLN C 12 -26.34 -20.17 -5.09
CA GLN C 12 -25.04 -20.81 -5.03
C GLN C 12 -24.05 -20.06 -5.93
N PHE C 13 -22.91 -19.67 -5.36
CA PHE C 13 -21.85 -19.03 -6.10
C PHE C 13 -20.71 -20.02 -6.31
N LEU C 14 -20.59 -20.53 -7.52
CA LEU C 14 -19.49 -21.40 -7.91
C LEU C 14 -18.47 -20.55 -8.66
N THR C 15 -17.19 -20.71 -8.31
CA THR C 15 -16.14 -19.87 -8.90
C THR C 15 -15.87 -20.24 -10.35
N THR C 16 -16.19 -21.47 -10.75
CA THR C 16 -15.93 -21.90 -12.12
C THR C 16 -17.19 -21.84 -12.98
N ASP C 17 -18.31 -21.44 -12.40
CA ASP C 17 -19.56 -21.36 -13.15
C ASP C 17 -19.54 -20.17 -14.10
N ASP C 18 -19.88 -20.42 -15.35
CA ASP C 18 -19.88 -19.40 -16.40
C ASP C 18 -21.31 -18.89 -16.59
N GLY C 19 -21.60 -17.70 -16.08
CA GLY C 19 -22.90 -17.10 -16.17
C GLY C 19 -22.88 -15.78 -16.90
N VAL C 20 -23.99 -15.04 -16.76
CA VAL C 20 -24.16 -13.74 -17.39
C VAL C 20 -24.43 -12.73 -16.28
N SER C 21 -23.55 -11.74 -16.14
CA SER C 21 -23.68 -10.71 -15.13
C SER C 21 -24.10 -9.39 -15.77
N ALA C 22 -24.55 -8.46 -14.94
CA ALA C 22 -25.10 -7.21 -15.43
C ALA C 22 -23.96 -6.24 -15.78
N PRO C 23 -24.01 -5.59 -16.94
CA PRO C 23 -22.98 -4.60 -17.27
C PRO C 23 -23.22 -3.29 -16.54
N ILE C 24 -22.13 -2.60 -16.22
CA ILE C 24 -22.22 -1.34 -15.46
C ILE C 24 -22.10 -0.11 -16.35
N LEU C 25 -21.86 -0.26 -17.64
CA LEU C 25 -21.68 0.86 -18.55
C LEU C 25 -22.44 0.61 -19.84
N PRO C 26 -23.33 1.52 -20.26
CA PRO C 26 -24.10 1.27 -21.49
C PRO C 26 -23.32 1.71 -22.72
N GLY C 27 -23.03 0.75 -23.60
CA GLY C 27 -22.37 1.04 -24.86
C GLY C 27 -20.93 1.47 -24.72
N PHE C 28 -20.23 0.92 -23.74
CA PHE C 28 -18.83 1.25 -23.52
C PHE C 28 -17.96 0.47 -24.51
N HIS C 29 -17.64 1.08 -25.65
CA HIS C 29 -16.76 0.48 -26.63
C HIS C 29 -15.33 0.65 -26.17
N PRO C 30 -14.56 -0.43 -26.03
CA PRO C 30 -13.19 -0.29 -25.50
C PRO C 30 -12.20 0.25 -26.51
N THR C 31 -10.93 0.30 -26.12
CA THR C 31 -9.88 0.77 -27.01
C THR C 31 -9.64 -0.28 -28.11
N PRO C 32 -9.56 0.13 -29.37
CA PRO C 32 -9.26 -0.83 -30.45
C PRO C 32 -7.86 -1.39 -30.32
N PRO C 33 -7.70 -2.70 -30.41
CA PRO C 33 -6.39 -3.31 -30.18
C PRO C 33 -5.48 -3.14 -31.38
N ILE C 34 -4.17 -3.30 -31.12
CA ILE C 34 -3.15 -3.20 -32.15
C ILE C 34 -2.46 -4.55 -32.28
N HIS C 35 -1.52 -4.66 -33.20
CA HIS C 35 -0.79 -5.89 -33.44
C HIS C 35 0.40 -5.96 -32.48
N ILE C 36 0.34 -6.86 -31.52
CA ILE C 36 1.41 -7.08 -30.55
C ILE C 36 2.01 -8.46 -30.85
N PRO C 37 3.32 -8.57 -31.08
CA PRO C 37 3.91 -9.87 -31.36
C PRO C 37 3.99 -10.73 -30.10
N GLY C 38 4.01 -12.04 -30.33
CA GLY C 38 4.11 -12.99 -29.23
C GLY C 38 2.80 -13.35 -28.59
N GLU C 39 1.74 -13.52 -29.37
CA GLU C 39 0.44 -13.86 -28.82
C GLU C 39 0.39 -15.33 -28.42
N VAL C 40 -0.07 -15.60 -27.21
CA VAL C 40 -0.16 -16.95 -26.67
C VAL C 40 -1.63 -17.33 -26.64
N ARG C 41 -2.01 -18.31 -27.47
CA ARG C 41 -3.39 -18.79 -27.49
C ARG C 41 -3.56 -20.09 -26.73
N ASN C 42 -2.46 -20.76 -26.38
CA ASN C 42 -2.52 -22.02 -25.67
C ASN C 42 -1.24 -22.20 -24.87
N LEU C 43 -1.36 -22.87 -23.72
CA LEU C 43 -0.21 -23.04 -22.83
C LEU C 43 0.74 -24.13 -23.29
N LEU C 44 0.35 -24.94 -24.28
CA LEU C 44 1.25 -25.99 -24.78
C LEU C 44 2.38 -25.43 -25.63
N GLU C 45 2.23 -24.20 -26.14
CA GLU C 45 3.32 -23.57 -26.87
C GLU C 45 4.45 -23.16 -25.94
N ILE C 46 4.13 -22.90 -24.67
CA ILE C 46 5.16 -22.52 -23.71
C ILE C 46 5.90 -23.76 -23.21
N CYS C 47 5.22 -24.90 -23.10
CA CYS C 47 5.83 -26.10 -22.57
C CYS C 47 6.81 -26.75 -23.55
N ARG C 48 6.72 -26.43 -24.83
CA ARG C 48 7.63 -26.99 -25.83
C ARG C 48 8.94 -26.21 -25.93
N VAL C 49 9.10 -25.13 -25.19
CA VAL C 49 10.32 -24.34 -25.20
C VAL C 49 11.31 -24.97 -24.21
N GLU C 50 12.56 -25.14 -24.66
CA GLU C 50 13.57 -25.75 -23.81
C GLU C 50 14.01 -24.78 -22.71
N THR C 51 13.96 -25.23 -21.46
CA THR C 51 14.38 -24.45 -20.32
C THR C 51 15.47 -25.21 -19.56
N ILE C 52 16.27 -24.45 -18.80
CA ILE C 52 17.46 -25.01 -18.17
C ILE C 52 17.05 -25.89 -17.00
N LEU C 53 17.58 -27.11 -16.99
CA LEU C 53 17.32 -28.09 -15.93
C LEU C 53 18.47 -28.06 -14.93
N GLU C 54 18.11 -28.02 -13.63
CA GLU C 54 19.09 -27.91 -12.56
C GLU C 54 19.36 -29.30 -12.00
N VAL C 55 20.34 -30.00 -12.61
CA VAL C 55 20.75 -31.31 -12.15
C VAL C 55 21.69 -31.24 -10.95
N ASN C 56 22.39 -30.12 -10.77
CA ASN C 56 23.38 -29.95 -9.71
C ASN C 56 22.78 -29.37 -8.43
N ASN C 57 21.50 -29.63 -8.16
CA ASN C 57 20.88 -29.14 -6.94
C ASN C 57 21.37 -29.93 -5.74
N LEU C 58 22.21 -29.30 -4.91
CA LEU C 58 22.75 -29.93 -3.72
C LEU C 58 22.54 -29.01 -2.53
N LYS C 59 22.86 -29.52 -1.34
CA LYS C 59 22.77 -28.73 -0.13
C LYS C 59 24.03 -27.91 0.13
N THR C 60 25.09 -28.13 -0.65
CA THR C 60 26.33 -27.37 -0.44
C THR C 60 26.36 -26.09 -1.26
N ASN C 61 25.77 -26.09 -2.45
CA ASN C 61 25.77 -24.93 -3.31
C ASN C 61 24.49 -24.10 -3.20
N GLU C 62 23.87 -24.07 -2.02
CA GLU C 62 22.69 -23.23 -1.84
C GLU C 62 23.07 -21.76 -1.70
N THR C 63 24.28 -21.48 -1.19
CA THR C 63 24.71 -20.10 -1.06
C THR C 63 25.14 -19.51 -2.40
N THR C 64 25.62 -20.36 -3.31
CA THR C 64 26.02 -19.95 -4.66
C THR C 64 25.11 -20.66 -5.66
N PRO C 65 23.96 -20.07 -6.00
CA PRO C 65 23.00 -20.77 -6.86
C PRO C 65 23.38 -20.79 -8.34
N MET C 66 24.47 -20.15 -8.73
CA MET C 66 24.88 -20.16 -10.13
C MET C 66 25.51 -21.50 -10.53
N GLN C 67 25.98 -22.27 -9.55
CA GLN C 67 26.58 -23.57 -9.83
C GLN C 67 25.56 -24.68 -9.98
N ARG C 68 24.28 -24.39 -9.75
CA ARG C 68 23.23 -25.40 -9.86
C ARG C 68 22.75 -25.61 -11.29
N LEU C 69 23.17 -24.76 -12.23
CA LEU C 69 22.71 -24.83 -13.61
C LEU C 69 23.52 -25.79 -14.47
N CYS C 70 24.64 -26.31 -13.96
CA CYS C 70 25.48 -27.19 -14.75
C CYS C 70 26.21 -28.15 -13.81
N PHE C 71 26.52 -29.34 -14.33
CA PHE C 71 27.26 -30.34 -13.57
C PHE C 71 28.62 -30.58 -14.22
N PRO C 72 29.67 -30.78 -13.42
CA PRO C 72 31.02 -30.92 -13.99
C PRO C 72 31.25 -32.28 -14.60
N VAL C 73 32.25 -32.34 -15.47
CA VAL C 73 32.71 -33.58 -16.08
C VAL C 73 34.22 -33.46 -16.28
N SER C 74 34.98 -34.41 -15.73
CA SER C 74 36.43 -34.34 -15.74
C SER C 74 37.00 -35.68 -16.18
N VAL C 75 38.33 -35.74 -16.24
CA VAL C 75 39.03 -36.96 -16.63
C VAL C 75 38.99 -37.95 -15.47
N GLN C 76 38.62 -39.19 -15.78
CA GLN C 76 38.50 -40.24 -14.78
C GLN C 76 39.58 -41.30 -15.00
N SER C 77 40.05 -41.90 -13.90
CA SER C 77 41.07 -42.93 -14.00
C SER C 77 40.48 -44.26 -14.46
N LYS C 78 39.36 -44.67 -13.87
CA LYS C 78 38.68 -45.90 -14.25
C LYS C 78 37.47 -45.59 -15.13
N THR C 79 37.15 -46.51 -16.02
CA THR C 79 36.06 -46.31 -16.96
C THR C 79 34.75 -46.86 -16.40
N GLY C 80 33.65 -46.25 -16.80
CA GLY C 80 32.34 -46.70 -16.39
C GLY C 80 31.83 -46.09 -15.10
N GLU C 81 31.94 -44.78 -14.95
CA GLU C 81 31.45 -44.10 -13.76
C GLU C 81 30.12 -43.42 -14.05
N LEU C 82 29.40 -43.08 -12.97
CA LEU C 82 28.10 -42.42 -13.06
C LEU C 82 28.29 -40.93 -12.79
N CYS C 83 27.80 -40.10 -13.70
CA CYS C 83 27.96 -38.64 -13.58
C CYS C 83 26.81 -38.03 -12.79
N ALA C 84 25.57 -38.28 -13.23
CA ALA C 84 24.41 -37.71 -12.56
C ALA C 84 23.23 -38.66 -12.71
N ALA C 85 22.28 -38.55 -11.77
CA ALA C 85 21.08 -39.38 -11.79
C ALA C 85 19.93 -38.57 -11.21
N PHE C 86 18.80 -38.56 -11.92
CA PHE C 86 17.63 -37.81 -11.48
C PHE C 86 16.38 -38.46 -12.07
N ARG C 87 15.24 -38.10 -11.50
CA ARG C 87 13.97 -38.64 -11.95
C ARG C 87 13.41 -37.83 -13.12
N ALA C 88 12.70 -38.52 -14.00
CA ALA C 88 12.15 -37.91 -15.21
C ALA C 88 10.71 -37.44 -15.05
N ASP C 89 10.23 -37.32 -13.81
CA ASP C 89 8.85 -36.86 -13.58
C ASP C 89 8.84 -35.35 -13.42
N PRO C 90 8.16 -34.60 -14.29
CA PRO C 90 8.13 -33.14 -14.15
C PRO C 90 7.26 -32.64 -13.00
N GLY C 91 6.42 -33.50 -12.42
CA GLY C 91 5.56 -33.12 -11.33
C GLY C 91 6.10 -33.39 -9.94
N ARG C 92 7.37 -33.76 -9.81
CA ARG C 92 7.99 -34.04 -8.52
C ARG C 92 8.87 -32.88 -8.09
N ASP C 93 9.06 -32.77 -6.77
CA ASP C 93 9.97 -31.76 -6.23
C ASP C 93 11.41 -32.19 -6.44
N GLY C 94 12.15 -31.42 -7.23
CA GLY C 94 13.52 -31.74 -7.53
C GLY C 94 14.10 -30.91 -8.66
N PRO C 95 14.74 -31.55 -9.62
CA PRO C 95 15.37 -30.80 -10.72
C PRO C 95 14.39 -30.15 -11.68
N TRP C 96 13.19 -30.72 -11.83
CA TRP C 96 12.23 -30.23 -12.81
C TRP C 96 11.46 -29.00 -12.35
N GLN C 97 11.68 -28.54 -11.11
CA GLN C 97 10.99 -27.35 -10.63
C GLN C 97 11.55 -26.07 -11.27
N SER C 98 12.78 -26.10 -11.78
CA SER C 98 13.39 -24.89 -12.32
C SER C 98 12.98 -24.65 -13.77
N THR C 99 12.37 -25.64 -14.41
CA THR C 99 11.96 -25.50 -15.81
C THR C 99 10.54 -24.94 -15.89
N ILE C 100 10.24 -24.30 -17.03
CA ILE C 100 8.88 -23.80 -17.24
C ILE C 100 7.94 -24.93 -17.64
N LEU C 101 8.48 -26.09 -18.04
CA LEU C 101 7.63 -27.26 -18.26
C LEU C 101 7.13 -27.81 -16.94
N GLY C 102 7.99 -27.86 -15.94
CA GLY C 102 7.58 -28.40 -14.65
C GLY C 102 6.72 -27.43 -13.85
N GLN C 103 6.95 -26.13 -14.03
CA GLN C 103 6.16 -25.13 -13.29
C GLN C 103 4.73 -25.06 -13.81
N LEU C 104 4.55 -25.19 -15.12
CA LEU C 104 3.20 -25.25 -15.67
C LEU C 104 2.56 -26.61 -15.42
N CYS C 105 3.38 -27.64 -15.17
CA CYS C 105 2.83 -28.94 -14.83
C CYS C 105 2.32 -28.98 -13.39
N ARG C 106 2.86 -28.13 -12.52
CA ARG C 106 2.39 -28.07 -11.14
C ARG C 106 1.08 -27.33 -10.99
N TYR C 107 0.63 -26.61 -12.02
CA TYR C 107 -0.71 -26.03 -12.03
C TYR C 107 -1.77 -27.04 -12.43
N TYR C 108 -1.38 -28.25 -12.82
CA TYR C 108 -2.32 -29.29 -13.24
C TYR C 108 -2.04 -30.55 -12.44
N THR C 109 -3.01 -31.47 -12.44
CA THR C 109 -2.87 -32.72 -11.71
C THR C 109 -2.37 -33.85 -12.60
N GLN C 110 -3.09 -34.16 -13.67
CA GLN C 110 -2.73 -35.25 -14.55
C GLN C 110 -2.02 -34.71 -15.80
N TRP C 111 -1.00 -35.43 -16.25
CA TRP C 111 -0.23 -35.04 -17.42
C TRP C 111 0.04 -36.26 -18.28
N SER C 112 0.24 -36.03 -19.58
CA SER C 112 0.54 -37.09 -20.52
C SER C 112 1.44 -36.56 -21.61
N GLY C 113 1.98 -37.46 -22.41
CA GLY C 113 2.82 -37.09 -23.53
C GLY C 113 4.30 -37.25 -23.22
N SER C 114 5.07 -37.47 -24.27
CA SER C 114 6.52 -37.62 -24.13
C SER C 114 7.19 -36.26 -23.98
N LEU C 115 8.39 -36.29 -23.40
CA LEU C 115 9.17 -35.07 -23.19
C LEU C 115 10.61 -35.33 -23.59
N GLU C 116 11.34 -34.25 -23.85
CA GLU C 116 12.71 -34.32 -24.34
C GLU C 116 13.67 -33.70 -23.33
N VAL C 117 14.88 -34.26 -23.28
CA VAL C 117 15.96 -33.77 -22.43
C VAL C 117 17.16 -33.50 -23.33
N THR C 118 17.61 -32.24 -23.35
CA THR C 118 18.70 -31.80 -24.21
C THR C 118 19.92 -31.47 -23.36
N PHE C 119 21.04 -32.10 -23.67
CA PHE C 119 22.31 -31.84 -22.99
C PHE C 119 23.25 -31.10 -23.93
N MET C 120 23.72 -29.93 -23.50
CA MET C 120 24.63 -29.10 -24.27
C MET C 120 26.00 -29.10 -23.61
N PHE C 121 27.04 -29.35 -24.39
CA PHE C 121 28.41 -29.42 -23.90
C PHE C 121 29.08 -28.07 -24.13
N ALA C 122 29.51 -27.42 -23.05
CA ALA C 122 30.13 -26.11 -23.12
C ALA C 122 31.63 -26.14 -22.82
N GLY C 123 32.32 -27.22 -23.16
CA GLY C 123 33.73 -27.32 -22.93
C GLY C 123 34.55 -26.68 -24.03
N SER C 124 35.85 -27.02 -24.04
CA SER C 124 36.76 -26.48 -25.02
C SER C 124 36.59 -27.20 -26.35
N PHE C 125 37.18 -26.63 -27.40
CA PHE C 125 37.08 -27.21 -28.74
C PHE C 125 37.93 -28.47 -28.88
N MET C 126 39.03 -28.56 -28.16
CA MET C 126 39.91 -29.71 -28.23
C MET C 126 39.49 -30.85 -27.31
N ALA C 127 38.37 -30.71 -26.61
CA ALA C 127 37.89 -31.74 -25.70
C ALA C 127 37.04 -32.75 -26.47
N THR C 128 37.42 -34.02 -26.42
CA THR C 128 36.69 -35.10 -27.08
C THR C 128 36.28 -36.14 -26.06
N GLY C 129 35.15 -36.79 -26.32
CA GLY C 129 34.67 -37.82 -25.42
C GLY C 129 33.25 -38.21 -25.80
N LYS C 130 32.90 -39.44 -25.42
CA LYS C 130 31.58 -39.99 -25.66
C LYS C 130 30.83 -40.15 -24.34
N MET C 131 29.53 -39.92 -24.40
CA MET C 131 28.67 -39.97 -23.21
C MET C 131 27.52 -40.93 -23.46
N LEU C 132 27.04 -41.56 -22.39
CA LEU C 132 25.90 -42.46 -22.43
C LEU C 132 24.75 -41.85 -21.64
N ILE C 133 23.61 -41.67 -22.30
CA ILE C 133 22.41 -41.11 -21.68
C ILE C 133 21.35 -42.20 -21.70
N ALA C 134 21.14 -42.84 -20.54
CA ALA C 134 20.25 -43.98 -20.45
C ALA C 134 18.96 -43.59 -19.75
N TYR C 135 17.85 -44.15 -20.24
CA TYR C 135 16.53 -43.96 -19.65
C TYR C 135 16.04 -45.32 -19.14
N THR C 136 15.75 -45.40 -17.84
CA THR C 136 15.32 -46.65 -17.24
C THR C 136 13.82 -46.59 -16.96
N PRO C 137 13.05 -47.60 -17.38
CA PRO C 137 11.64 -47.67 -16.98
C PRO C 137 11.52 -47.95 -15.49
N PRO C 138 10.37 -47.62 -14.89
CA PRO C 138 10.22 -47.83 -13.44
C PRO C 138 10.14 -49.30 -13.06
N GLY C 139 10.33 -49.56 -11.78
CA GLY C 139 10.37 -50.90 -11.23
C GLY C 139 11.66 -51.24 -10.51
N GLY C 140 12.70 -50.43 -10.64
CA GLY C 140 13.96 -50.70 -9.98
C GLY C 140 14.62 -49.42 -9.53
N SER C 141 15.73 -49.59 -8.81
CA SER C 141 16.49 -48.46 -8.29
C SER C 141 17.49 -48.00 -9.35
N VAL C 142 18.41 -47.13 -8.94
CA VAL C 142 19.45 -46.63 -9.85
C VAL C 142 20.45 -47.75 -10.11
N PRO C 143 20.80 -48.05 -11.36
CA PRO C 143 21.78 -49.11 -11.63
C PRO C 143 23.18 -48.71 -11.21
N ALA C 144 23.89 -49.65 -10.61
CA ALA C 144 25.24 -49.38 -10.12
C ALA C 144 26.28 -49.50 -11.23
N ASP C 145 26.02 -50.37 -12.20
CA ASP C 145 26.96 -50.63 -13.29
C ASP C 145 26.40 -50.09 -14.60
N ARG C 146 27.28 -50.02 -15.61
CA ARG C 146 26.87 -49.53 -16.92
C ARG C 146 26.20 -50.62 -17.75
N ILE C 147 26.51 -51.88 -17.47
CA ILE C 147 25.91 -52.99 -18.23
C ILE C 147 24.45 -53.16 -17.84
N THR C 148 24.08 -52.81 -16.61
CA THR C 148 22.69 -52.91 -16.19
C THR C 148 21.85 -51.76 -16.72
N ALA C 149 22.47 -50.59 -16.88
CA ALA C 149 21.72 -49.39 -17.30
C ALA C 149 21.55 -49.31 -18.81
N MET C 150 22.30 -50.10 -19.59
CA MET C 150 22.18 -50.04 -21.04
C MET C 150 21.05 -50.90 -21.58
N LEU C 151 20.28 -51.58 -20.72
CA LEU C 151 19.18 -52.40 -21.20
C LEU C 151 17.96 -51.58 -21.57
N GLY C 152 17.87 -50.33 -21.10
CA GLY C 152 16.76 -49.47 -21.42
C GLY C 152 17.03 -48.59 -22.64
N THR C 153 16.26 -47.51 -22.73
CA THR C 153 16.43 -46.58 -23.84
C THR C 153 17.69 -45.75 -23.64
N HIS C 154 18.60 -45.80 -24.62
CA HIS C 154 19.87 -45.11 -24.52
C HIS C 154 20.33 -44.68 -25.90
N VAL C 155 21.33 -43.81 -25.93
CA VAL C 155 21.92 -43.33 -27.17
C VAL C 155 23.40 -43.05 -26.91
N ILE C 156 24.19 -42.99 -27.98
CA ILE C 156 25.61 -42.72 -27.91
C ILE C 156 25.86 -41.38 -28.60
N TRP C 157 26.45 -40.45 -27.88
CA TRP C 157 26.72 -39.11 -28.41
C TRP C 157 28.19 -38.78 -28.23
N ASP C 158 28.80 -38.28 -29.31
CA ASP C 158 30.21 -37.91 -29.34
C ASP C 158 30.32 -36.40 -29.51
N PHE C 159 31.38 -35.83 -28.92
CA PHE C 159 31.61 -34.41 -29.04
C PHE C 159 32.17 -34.07 -30.42
N GLY C 160 31.62 -33.04 -31.03
CA GLY C 160 32.04 -32.66 -32.37
C GLY C 160 31.66 -31.24 -32.70
N LEU C 161 31.20 -31.05 -33.94
CA LEU C 161 30.75 -29.72 -34.35
C LEU C 161 29.44 -29.34 -33.68
N GLN C 162 28.53 -30.30 -33.54
CA GLN C 162 27.29 -30.10 -32.81
C GLN C 162 27.55 -30.36 -31.32
N SER C 163 27.55 -29.29 -30.53
CA SER C 163 27.88 -29.39 -29.11
C SER C 163 26.70 -29.77 -28.24
N SER C 164 25.55 -30.12 -28.83
CA SER C 164 24.38 -30.50 -28.07
C SER C 164 23.73 -31.72 -28.72
N VAL C 165 22.98 -32.45 -27.91
CA VAL C 165 22.24 -33.63 -28.37
C VAL C 165 20.94 -33.70 -27.58
N THR C 166 19.96 -34.44 -28.11
CA THR C 166 18.69 -34.65 -27.45
C THR C 166 18.29 -36.11 -27.55
N LEU C 167 17.67 -36.62 -26.49
CA LEU C 167 17.11 -37.97 -26.48
C LEU C 167 15.78 -37.89 -25.75
N VAL C 168 14.70 -38.21 -26.47
CA VAL C 168 13.35 -38.07 -25.93
C VAL C 168 13.07 -39.20 -24.95
N VAL C 169 12.39 -38.87 -23.86
CA VAL C 169 11.92 -39.87 -22.91
C VAL C 169 10.63 -40.46 -23.47
N PRO C 170 10.59 -41.76 -23.78
CA PRO C 170 9.38 -42.32 -24.37
C PRO C 170 8.26 -42.46 -23.36
N TRP C 171 7.04 -42.21 -23.83
CA TRP C 171 5.86 -42.30 -22.98
C TRP C 171 5.52 -43.77 -22.75
N ILE C 172 6.10 -44.35 -21.70
CA ILE C 172 5.86 -45.73 -21.31
C ILE C 172 5.12 -45.69 -19.99
N SER C 173 3.80 -45.86 -20.05
CA SER C 173 2.97 -45.77 -18.85
C SER C 173 1.88 -46.82 -18.91
N ASN C 174 1.41 -47.24 -17.73
CA ASN C 174 0.30 -48.18 -17.67
C ASN C 174 -1.03 -47.51 -17.99
N THR C 175 -1.17 -46.24 -17.62
CA THR C 175 -2.40 -45.50 -17.81
C THR C 175 -2.22 -44.44 -18.90
N HIS C 176 -3.33 -43.81 -19.28
CA HIS C 176 -3.27 -42.73 -20.26
C HIS C 176 -2.72 -41.45 -19.64
N TYR C 177 -3.12 -41.15 -18.40
CA TYR C 177 -2.62 -40.01 -17.67
C TYR C 177 -2.05 -40.46 -16.33
N ARG C 178 -1.25 -39.60 -15.73
CA ARG C 178 -0.66 -39.90 -14.43
C ARG C 178 -0.56 -38.62 -13.61
N ALA C 179 -0.76 -38.74 -12.30
CA ALA C 179 -0.71 -37.60 -11.39
C ALA C 179 0.73 -37.38 -10.92
N HIS C 180 0.91 -36.40 -10.03
CA HIS C 180 2.23 -36.09 -9.51
C HIS C 180 2.64 -37.13 -8.48
N ALA C 181 3.89 -37.56 -8.53
CA ALA C 181 4.38 -38.63 -7.68
C ALA C 181 4.96 -38.09 -6.38
N ARG C 182 4.60 -38.74 -5.28
CA ARG C 182 5.15 -38.43 -3.96
C ARG C 182 5.42 -39.74 -3.23
N ALA C 183 6.06 -39.63 -2.07
CA ALA C 183 6.36 -40.80 -1.25
C ALA C 183 5.09 -41.30 -0.57
N GLY C 184 4.54 -42.40 -1.07
CA GLY C 184 3.34 -42.97 -0.51
C GLY C 184 2.56 -43.72 -1.56
N TYR C 185 1.26 -43.41 -1.63
CA TYR C 185 0.37 -44.08 -2.58
C TYR C 185 0.39 -43.45 -3.96
N PHE C 186 1.17 -42.40 -4.18
CA PHE C 186 1.26 -41.76 -5.48
C PHE C 186 2.58 -42.03 -6.20
N ASP C 187 3.45 -42.87 -5.61
CA ASP C 187 4.74 -43.17 -6.22
C ASP C 187 4.64 -44.09 -7.43
N TYR C 188 3.46 -44.64 -7.71
CA TYR C 188 3.27 -45.55 -8.84
C TYR C 188 3.20 -44.81 -10.17
N TYR C 189 3.09 -43.49 -10.16
CA TYR C 189 3.08 -42.68 -11.38
C TYR C 189 4.46 -42.16 -11.75
N THR C 190 5.53 -42.87 -11.39
CA THR C 190 6.87 -42.43 -11.69
C THR C 190 7.18 -42.59 -13.17
N THR C 191 7.94 -41.64 -13.73
CA THR C 191 8.32 -41.73 -15.13
C THR C 191 9.53 -42.65 -15.30
N GLY C 192 10.57 -42.44 -14.49
CA GLY C 192 11.76 -43.26 -14.57
C GLY C 192 12.94 -42.51 -13.99
N ILE C 193 14.13 -43.08 -14.20
CA ILE C 193 15.38 -42.52 -13.71
C ILE C 193 16.29 -42.26 -14.90
N ILE C 194 16.74 -41.02 -15.05
CA ILE C 194 17.65 -40.63 -16.12
C ILE C 194 19.07 -40.66 -15.55
N THR C 195 19.91 -41.55 -16.08
CA THR C 195 21.28 -41.68 -15.66
C THR C 195 22.22 -41.27 -16.79
N ILE C 196 23.34 -40.65 -16.41
CA ILE C 196 24.35 -40.20 -17.36
C ILE C 196 25.67 -40.86 -16.99
N TRP C 197 26.21 -41.67 -17.90
CA TRP C 197 27.43 -42.43 -17.67
C TRP C 197 28.55 -41.91 -18.55
N TYR C 198 29.75 -42.45 -18.33
CA TYR C 198 30.93 -42.16 -19.14
C TYR C 198 31.13 -43.35 -20.08
N GLN C 199 31.12 -43.09 -21.39
CA GLN C 199 31.23 -44.17 -22.35
C GLN C 199 32.66 -44.69 -22.46
N THR C 200 33.58 -43.83 -22.90
CA THR C 200 34.97 -44.26 -23.02
C THR C 200 35.87 -43.51 -22.05
N ASN C 201 35.94 -42.18 -22.18
CA ASN C 201 36.84 -41.31 -21.42
C ASN C 201 36.51 -39.87 -21.80
N TYR C 202 37.18 -38.94 -21.10
CA TYR C 202 37.17 -37.53 -21.45
C TYR C 202 38.62 -37.11 -21.69
N VAL C 203 38.98 -36.92 -22.95
CA VAL C 203 40.37 -36.71 -23.36
C VAL C 203 40.57 -35.25 -23.70
N VAL C 204 41.62 -34.65 -23.11
CA VAL C 204 41.99 -33.28 -23.40
C VAL C 204 43.51 -33.23 -23.63
N PRO C 205 43.99 -32.40 -24.57
CA PRO C 205 45.44 -32.31 -24.78
C PRO C 205 46.11 -31.35 -23.81
N ILE C 206 47.42 -31.12 -24.01
CA ILE C 206 48.15 -30.21 -23.16
C ILE C 206 47.75 -28.77 -23.48
N GLY C 207 47.31 -28.04 -22.47
CA GLY C 207 46.86 -26.67 -22.62
C GLY C 207 45.36 -26.49 -22.47
N ALA C 208 44.58 -27.56 -22.58
CA ALA C 208 43.13 -27.56 -22.43
C ALA C 208 42.75 -27.78 -20.97
N PRO C 209 41.64 -27.20 -20.52
CA PRO C 209 41.18 -27.46 -19.15
C PRO C 209 40.68 -28.89 -18.99
N THR C 210 40.93 -29.45 -17.80
CA THR C 210 40.55 -30.82 -17.49
C THR C 210 39.17 -30.94 -16.88
N THR C 211 38.42 -29.83 -16.80
CA THR C 211 37.07 -29.86 -16.23
C THR C 211 36.16 -28.99 -17.09
N ALA C 212 35.09 -29.61 -17.61
CA ALA C 212 34.10 -28.92 -18.42
C ALA C 212 32.74 -29.00 -17.74
N TYR C 213 31.79 -28.23 -18.27
CA TYR C 213 30.44 -28.16 -17.72
C TYR C 213 29.43 -28.49 -18.82
N ILE C 214 28.35 -29.17 -18.43
CA ILE C 214 27.29 -29.58 -19.33
C ILE C 214 25.99 -28.93 -18.88
N VAL C 215 25.35 -28.19 -19.77
CA VAL C 215 24.08 -27.52 -19.48
C VAL C 215 22.95 -28.44 -19.92
N ALA C 216 21.95 -28.61 -19.06
CA ALA C 216 20.82 -29.48 -19.32
C ALA C 216 19.61 -28.65 -19.70
N LEU C 217 18.93 -29.06 -20.77
CA LEU C 217 17.70 -28.42 -21.22
C LEU C 217 16.58 -29.45 -21.28
N ALA C 218 15.35 -28.99 -21.07
CA ALA C 218 14.20 -29.88 -21.05
C ALA C 218 12.99 -29.17 -21.63
N ALA C 219 12.19 -29.92 -22.41
CA ALA C 219 10.98 -29.38 -23.03
C ALA C 219 10.00 -30.53 -23.23
N ALA C 220 8.89 -30.23 -23.89
CA ALA C 220 7.85 -31.19 -24.18
C ALA C 220 7.79 -31.47 -25.68
N GLN C 221 6.90 -32.38 -26.06
CA GLN C 221 6.71 -32.77 -27.44
C GLN C 221 5.32 -32.34 -27.92
N ASP C 222 4.99 -32.73 -29.14
CA ASP C 222 3.72 -32.35 -29.74
C ASP C 222 2.53 -33.12 -29.17
N ASN C 223 2.76 -34.28 -28.59
CA ASN C 223 1.70 -35.08 -27.99
C ASN C 223 1.55 -34.84 -26.49
N PHE C 224 2.16 -33.79 -25.96
CA PHE C 224 2.11 -33.50 -24.54
C PHE C 224 0.80 -32.79 -24.19
N THR C 225 0.06 -33.36 -23.24
CA THR C 225 -1.20 -32.78 -22.79
C THR C 225 -1.24 -32.80 -21.27
N MET C 226 -2.13 -31.98 -20.71
CA MET C 226 -2.33 -31.91 -19.27
C MET C 226 -3.78 -31.53 -18.99
N LYS C 227 -4.25 -31.86 -17.79
CA LYS C 227 -5.65 -31.67 -17.43
C LYS C 227 -5.74 -31.54 -15.91
N LEU C 228 -6.96 -31.25 -15.43
CA LEU C 228 -7.31 -31.10 -14.01
C LEU C 228 -6.47 -30.00 -13.36
N CYS C 229 -6.76 -28.77 -13.79
CA CYS C 229 -6.01 -27.61 -13.33
C CYS C 229 -6.23 -27.32 -11.86
N LYS C 230 -5.20 -26.82 -11.20
CA LYS C 230 -5.22 -26.55 -9.77
C LYS C 230 -4.21 -25.46 -9.46
N ASP C 231 -3.91 -25.28 -8.17
CA ASP C 231 -2.93 -24.31 -7.70
C ASP C 231 -1.64 -25.03 -7.34
N THR C 232 -0.51 -24.35 -7.55
CA THR C 232 0.78 -24.96 -7.33
C THR C 232 1.23 -24.81 -5.87
N GLU C 233 2.27 -25.57 -5.52
CA GLU C 233 2.78 -25.52 -4.15
C GLU C 233 3.90 -24.51 -3.99
N ASP C 234 4.43 -23.99 -5.11
CA ASP C 234 5.59 -23.11 -5.03
C ASP C 234 5.21 -21.71 -4.57
N ILE C 235 3.97 -21.30 -4.82
CA ILE C 235 3.52 -19.97 -4.39
C ILE C 235 3.22 -20.00 -2.90
N GLU C 236 3.60 -18.93 -2.20
CA GLU C 236 3.45 -18.85 -0.76
C GLU C 236 3.21 -17.41 -0.33
N GLN C 237 2.19 -17.20 0.49
CA GLN C 237 1.88 -15.89 1.06
C GLN C 237 1.46 -16.10 2.51
N THR C 238 2.32 -15.69 3.44
CA THR C 238 2.09 -16.01 4.85
C THR C 238 1.34 -14.90 5.58
N ALA C 239 1.99 -13.74 5.76
CA ALA C 239 1.39 -12.66 6.54
C ALA C 239 0.43 -11.82 5.71
N ASN C 240 0.97 -11.14 4.70
CA ASN C 240 0.23 -10.18 3.85
C ASN C 240 1.18 -9.72 2.75
N ILE C 241 0.63 -8.94 1.83
CA ILE C 241 1.41 -8.24 0.81
C ILE C 241 1.11 -6.76 0.98
N GLN C 242 2.09 -6.01 1.49
CA GLN C 242 1.91 -4.59 1.76
C GLN C 242 1.90 -3.76 0.48
N SER D 12 -33.04 -8.91 -29.69
CA SER D 12 -32.03 -8.06 -29.09
C SER D 12 -30.73 -8.09 -29.90
N HIS D 13 -30.42 -6.97 -30.55
CA HIS D 13 -29.21 -6.85 -31.36
C HIS D 13 -28.12 -6.22 -30.50
N GLU D 14 -27.07 -7.00 -30.23
CA GLU D 14 -25.98 -6.52 -29.39
C GLU D 14 -24.96 -5.75 -30.23
N ASN D 15 -24.21 -4.88 -29.56
CA ASN D 15 -23.15 -4.14 -30.20
C ASN D 15 -21.84 -4.92 -30.12
N SER D 16 -20.77 -4.30 -30.63
CA SER D 16 -19.46 -4.96 -30.73
C SER D 16 -18.49 -4.50 -29.65
N ASN D 17 -18.96 -4.21 -28.45
CA ASN D 17 -18.09 -3.78 -27.36
C ASN D 17 -17.61 -5.00 -26.57
N SER D 18 -16.46 -5.53 -26.95
CA SER D 18 -15.91 -6.71 -26.28
C SER D 18 -14.40 -6.70 -26.44
N ALA D 19 -13.73 -7.46 -25.57
CA ALA D 19 -12.27 -7.56 -25.62
C ALA D 19 -11.77 -8.48 -26.73
N SER D 20 -12.63 -9.31 -27.31
CA SER D 20 -12.25 -10.22 -28.38
C SER D 20 -12.57 -9.66 -29.76
N GLU D 21 -12.61 -8.34 -29.92
CA GLU D 21 -12.89 -7.74 -31.22
C GLU D 21 -11.65 -7.82 -32.10
N GLY D 22 -11.85 -8.29 -33.33
CA GLY D 22 -10.77 -8.48 -34.29
C GLY D 22 -10.20 -9.88 -34.31
N SER D 23 -10.13 -10.53 -33.15
CA SER D 23 -9.63 -11.90 -33.04
C SER D 23 -10.52 -12.65 -32.06
N THR D 24 -11.43 -13.47 -32.56
CA THR D 24 -12.41 -14.17 -31.74
C THR D 24 -11.85 -15.52 -31.33
N ILE D 25 -11.84 -15.79 -30.03
CA ILE D 25 -11.41 -17.10 -29.50
C ILE D 25 -12.59 -17.98 -29.15
N ASN D 26 -13.76 -17.41 -28.92
CA ASN D 26 -14.96 -18.15 -28.57
C ASN D 26 -15.66 -18.65 -29.83
N TYR D 27 -16.60 -19.59 -29.63
CA TYR D 27 -17.39 -20.13 -30.73
C TYR D 27 -18.85 -19.70 -30.59
N THR D 28 -19.53 -20.07 -29.50
CA THR D 28 -20.93 -19.73 -29.27
C THR D 28 -21.10 -19.40 -27.80
N THR D 29 -21.54 -18.18 -27.51
CA THR D 29 -21.79 -17.72 -26.16
C THR D 29 -23.27 -17.40 -25.98
N ILE D 30 -23.64 -17.02 -24.76
CA ILE D 30 -25.00 -16.63 -24.42
C ILE D 30 -24.96 -15.23 -23.83
N ASN D 31 -25.72 -14.31 -24.43
CA ASN D 31 -25.78 -12.92 -23.98
C ASN D 31 -27.24 -12.54 -23.83
N TYR D 32 -27.69 -12.38 -22.59
CA TYR D 32 -29.07 -12.00 -22.30
C TYR D 32 -29.23 -10.49 -22.11
N TYR D 33 -28.17 -9.72 -22.29
CA TYR D 33 -28.20 -8.27 -22.15
C TYR D 33 -27.80 -7.61 -23.46
N LYS D 34 -27.67 -6.29 -23.43
CA LYS D 34 -27.38 -5.53 -24.64
C LYS D 34 -25.89 -5.51 -24.96
N ASP D 35 -25.05 -5.38 -23.94
CA ASP D 35 -23.61 -5.26 -24.15
C ASP D 35 -22.99 -6.62 -24.42
N ALA D 36 -21.87 -6.61 -25.15
CA ALA D 36 -21.22 -7.85 -25.56
C ALA D 36 -20.21 -8.37 -24.54
N TYR D 37 -19.70 -7.51 -23.67
CA TYR D 37 -18.74 -7.95 -22.66
C TYR D 37 -19.39 -8.62 -21.46
N ALA D 38 -20.72 -8.56 -21.36
CA ALA D 38 -21.45 -9.21 -20.28
C ALA D 38 -21.79 -10.66 -20.57
N ALA D 39 -21.37 -11.19 -21.72
CA ALA D 39 -21.70 -12.55 -22.08
C ALA D 39 -20.75 -13.53 -21.40
N SER D 40 -20.96 -14.82 -21.69
CA SER D 40 -20.13 -15.87 -21.13
C SER D 40 -18.80 -15.96 -21.85
N ALA D 41 -17.93 -16.84 -21.35
CA ALA D 41 -16.61 -17.02 -21.94
C ALA D 41 -16.69 -17.76 -23.26
N GLY D 42 -17.29 -18.95 -23.25
CA GLY D 42 -17.47 -19.74 -24.44
C GLY D 42 -16.36 -20.77 -24.64
N ARG D 43 -16.59 -21.64 -25.62
CA ARG D 43 -15.61 -22.66 -25.96
C ARG D 43 -14.43 -22.03 -26.68
N GLN D 44 -13.23 -22.22 -26.13
CA GLN D 44 -12.04 -21.57 -26.64
C GLN D 44 -11.57 -22.21 -27.95
N ASP D 45 -10.82 -21.44 -28.72
CA ASP D 45 -10.34 -21.87 -30.02
C ASP D 45 -9.13 -22.78 -29.88
N MET D 46 -9.04 -23.77 -30.77
CA MET D 46 -7.99 -24.78 -30.72
C MET D 46 -6.79 -24.45 -31.59
N SER D 47 -6.67 -23.21 -32.07
CA SER D 47 -5.56 -22.85 -32.94
C SER D 47 -4.29 -22.64 -32.13
N GLN D 48 -3.22 -23.32 -32.56
CA GLN D 48 -1.92 -23.19 -31.93
C GLN D 48 -0.87 -22.88 -33.00
N ASP D 49 0.11 -22.07 -32.62
CA ASP D 49 1.23 -21.72 -33.51
C ASP D 49 2.52 -21.74 -32.71
N PRO D 50 3.11 -22.92 -32.49
CA PRO D 50 4.34 -22.99 -31.70
C PRO D 50 5.60 -22.75 -32.50
N LYS D 51 5.49 -22.44 -33.80
CA LYS D 51 6.67 -22.27 -34.63
C LYS D 51 7.40 -20.97 -34.32
N ARG D 52 6.69 -19.95 -33.86
CA ARG D 52 7.32 -18.68 -33.51
C ARG D 52 7.93 -18.70 -32.12
N PHE D 53 7.66 -19.74 -31.31
CA PHE D 53 8.25 -19.88 -29.99
C PHE D 53 9.36 -20.93 -29.96
N THR D 54 9.17 -22.03 -30.69
CA THR D 54 10.14 -23.12 -30.65
C THR D 54 11.24 -22.98 -31.69
N ASP D 55 10.91 -22.49 -32.88
CA ASP D 55 11.89 -22.32 -33.96
C ASP D 55 11.84 -20.89 -34.48
N PRO D 56 12.38 -19.92 -33.71
CA PRO D 56 12.28 -18.51 -34.12
C PRO D 56 13.47 -18.04 -34.95
N VAL D 57 13.77 -18.77 -36.03
CA VAL D 57 14.92 -18.48 -36.86
C VAL D 57 14.47 -18.20 -38.30
N MET D 58 15.40 -17.66 -39.09
CA MET D 58 15.09 -17.32 -40.48
C MET D 58 15.09 -18.57 -41.37
N ASP D 59 16.25 -19.22 -41.48
CA ASP D 59 16.36 -20.42 -42.31
C ASP D 59 15.80 -21.62 -41.57
N VAL D 60 15.02 -22.43 -42.29
CA VAL D 60 14.38 -23.58 -41.66
C VAL D 60 15.41 -24.68 -41.39
N ILE D 61 15.25 -25.36 -40.27
CA ILE D 61 16.15 -26.43 -39.86
C ILE D 61 15.37 -27.74 -39.97
N HIS D 62 15.75 -28.58 -40.92
CA HIS D 62 15.08 -29.85 -41.10
C HIS D 62 15.46 -30.83 -40.00
N GLU D 63 14.60 -31.83 -39.79
CA GLU D 63 14.85 -32.81 -38.75
C GLU D 63 15.94 -33.80 -39.16
N MET D 64 15.90 -34.27 -40.40
CA MET D 64 16.90 -35.21 -40.88
C MET D 64 18.22 -34.54 -41.24
N ALA D 65 18.20 -33.24 -41.58
CA ALA D 65 19.39 -32.50 -41.94
C ALA D 65 20.09 -31.97 -40.69
N PRO D 66 21.43 -31.89 -40.71
CA PRO D 66 22.14 -31.30 -39.57
C PRO D 66 21.91 -29.81 -39.49
N PRO D 67 21.84 -29.25 -38.29
CA PRO D 67 21.57 -27.80 -38.17
C PRO D 67 22.77 -26.93 -38.52
N LEU D 68 23.98 -27.46 -38.44
CA LEU D 68 25.19 -26.70 -38.75
C LEU D 68 25.94 -27.39 -39.87
N LYS D 69 26.28 -26.63 -40.92
CA LYS D 69 26.99 -27.16 -42.06
C LYS D 69 28.50 -27.16 -41.81
N GLU E 1 1.75 5.88 37.51
CA GLU E 1 2.65 5.11 36.66
C GLU E 1 2.78 5.75 35.28
N VAL E 2 1.76 6.51 34.88
CA VAL E 2 1.75 7.22 33.61
C VAL E 2 1.53 8.70 33.90
N GLN E 3 2.51 9.52 33.52
CA GLN E 3 2.46 10.95 33.75
C GLN E 3 2.57 11.69 32.42
N LEU E 4 1.65 12.59 32.16
CA LEU E 4 1.63 13.39 30.94
C LEU E 4 1.93 14.83 31.29
N GLN E 5 3.02 15.38 30.75
CA GLN E 5 3.43 16.75 31.01
C GLN E 5 3.29 17.57 29.74
N GLN E 6 2.70 18.76 29.87
CA GLN E 6 2.49 19.65 28.75
C GLN E 6 3.49 20.81 28.81
N SER E 7 3.33 21.75 27.90
CA SER E 7 4.21 22.91 27.81
C SER E 7 3.74 23.99 28.79
N GLY E 8 4.39 25.15 28.75
CA GLY E 8 4.05 26.25 29.61
C GLY E 8 2.99 27.15 28.99
N PRO E 9 2.32 27.95 29.81
CA PRO E 9 1.31 28.88 29.28
C PRO E 9 1.96 30.03 28.52
N GLU E 10 1.54 30.21 27.27
CA GLU E 10 2.09 31.25 26.40
C GLU E 10 0.97 32.20 26.00
N LEU E 11 1.26 33.50 26.03
CA LEU E 11 0.32 34.53 25.64
C LEU E 11 0.65 34.99 24.22
N VAL E 12 -0.31 34.81 23.31
CA VAL E 12 -0.10 35.14 21.90
C VAL E 12 -1.14 36.18 21.49
N LYS E 13 -0.85 36.87 20.36
CA LYS E 13 -1.67 37.88 19.71
C LYS E 13 -2.59 37.24 18.67
N PRO E 14 -3.74 37.85 18.38
CA PRO E 14 -4.60 37.33 17.31
C PRO E 14 -3.97 37.52 15.95
N GLY E 15 -4.06 36.47 15.12
CA GLY E 15 -3.47 36.46 13.80
C GLY E 15 -2.21 35.62 13.68
N ALA E 16 -1.55 35.33 14.80
CA ALA E 16 -0.35 34.51 14.80
C ALA E 16 -0.73 33.05 15.02
N SER E 17 0.28 32.20 15.25
CA SER E 17 0.07 30.79 15.50
C SER E 17 0.77 30.37 16.78
N VAL E 18 0.44 29.18 17.26
CA VAL E 18 1.02 28.63 18.48
C VAL E 18 1.29 27.15 18.25
N LYS E 19 2.18 26.59 19.07
CA LYS E 19 2.53 25.18 18.98
C LYS E 19 2.82 24.66 20.39
N MET E 20 2.04 23.69 20.84
CA MET E 20 2.19 23.09 22.15
C MET E 20 2.90 21.75 22.04
N SER E 21 2.98 21.04 23.17
CA SER E 21 3.61 19.73 23.23
C SER E 21 2.99 18.93 24.37
N CYS E 22 3.06 17.61 24.26
CA CYS E 22 2.51 16.70 25.26
C CYS E 22 3.46 15.52 25.40
N LYS E 23 4.38 15.62 26.36
CA LYS E 23 5.38 14.58 26.61
C LYS E 23 4.87 13.64 27.69
N THR E 24 4.94 12.34 27.43
CA THR E 24 4.50 11.32 28.36
C THR E 24 5.51 10.17 28.36
N SER E 25 5.37 9.29 29.35
CA SER E 25 6.25 8.14 29.50
C SER E 25 5.50 7.08 30.30
N GLY E 26 6.17 5.95 30.56
CA GLY E 26 5.61 4.88 31.34
C GLY E 26 4.86 3.84 30.55
N TYR E 27 4.65 4.05 29.25
CA TYR E 27 3.91 3.10 28.43
C TYR E 27 4.40 3.21 26.98
N THR E 28 3.97 2.25 26.16
CA THR E 28 4.36 2.24 24.75
C THR E 28 3.57 3.30 23.99
N PHE E 29 4.28 4.30 23.46
CA PHE E 29 3.64 5.44 22.84
C PHE E 29 3.06 5.11 21.47
N THR E 30 3.67 4.16 20.75
CA THR E 30 3.25 3.87 19.38
C THR E 30 2.02 2.97 19.31
N GLU E 31 1.63 2.36 20.42
CA GLU E 31 0.51 1.41 20.42
C GLU E 31 -0.75 1.95 21.09
N ASN E 32 -0.76 3.21 21.50
CA ASN E 32 -1.91 3.80 22.16
C ASN E 32 -2.25 5.14 21.50
N THR E 33 -3.53 5.34 21.21
CA THR E 33 -3.97 6.56 20.58
C THR E 33 -4.04 7.71 21.59
N MET E 34 -4.25 8.91 21.08
CA MET E 34 -4.36 10.10 21.92
C MET E 34 -5.50 10.96 21.43
N HIS E 35 -6.00 11.81 22.32
CA HIS E 35 -7.09 12.73 22.03
C HIS E 35 -6.76 14.11 22.60
N TRP E 36 -7.51 15.11 22.16
CA TRP E 36 -7.35 16.48 22.62
C TRP E 36 -8.71 17.05 22.94
N VAL E 37 -8.90 17.47 24.19
CA VAL E 37 -10.18 17.99 24.68
C VAL E 37 -9.94 19.40 25.22
N ARG E 38 -10.67 20.37 24.68
CA ARG E 38 -10.61 21.75 25.14
C ARG E 38 -11.80 22.04 26.06
N GLN E 39 -11.64 23.03 26.93
CA GLN E 39 -12.68 23.41 27.89
C GLN E 39 -12.82 24.93 27.86
N SER E 40 -13.85 25.42 27.18
CA SER E 40 -14.13 26.84 27.10
C SER E 40 -14.97 27.28 28.30
N HIS E 41 -15.23 28.58 28.37
CA HIS E 41 -16.00 29.14 29.47
C HIS E 41 -17.49 28.89 29.26
N GLY E 42 -18.17 28.42 30.32
CA GLY E 42 -17.57 28.12 31.61
C GLY E 42 -17.17 26.66 31.80
N LYS E 43 -18.12 25.76 31.53
CA LYS E 43 -17.90 24.34 31.71
C LYS E 43 -18.15 23.53 30.44
N SER E 44 -18.18 24.18 29.28
CA SER E 44 -18.42 23.46 28.03
C SER E 44 -17.17 22.74 27.58
N LEU E 45 -17.36 21.51 27.09
CA LEU E 45 -16.27 20.69 26.58
C LEU E 45 -16.46 20.40 25.11
N GLU E 46 -15.37 20.40 24.36
CA GLU E 46 -15.37 20.08 22.94
C GLU E 46 -14.29 19.05 22.67
N TRP E 47 -14.28 18.53 21.45
CA TRP E 47 -13.34 17.49 21.03
C TRP E 47 -12.60 17.98 19.80
N ILE E 48 -11.29 18.13 19.91
CA ILE E 48 -10.45 18.60 18.82
C ILE E 48 -10.30 17.50 17.79
N GLY E 49 -9.75 16.36 18.20
CA GLY E 49 -9.56 15.25 17.30
C GLY E 49 -8.65 14.21 17.91
N GLY E 50 -8.66 13.03 17.31
CA GLY E 50 -7.85 11.92 17.75
C GLY E 50 -6.63 11.72 16.86
N ILE E 51 -5.67 10.97 17.38
CA ILE E 51 -4.42 10.70 16.67
C ILE E 51 -3.93 9.31 17.04
N TYR E 52 -3.73 8.47 16.03
CA TYR E 52 -3.16 7.13 16.21
C TYR E 52 -1.71 7.15 15.76
N PRO E 53 -0.75 7.18 16.68
CA PRO E 53 0.65 7.45 16.32
C PRO E 53 1.47 6.21 15.96
N LYS E 54 1.15 5.61 14.81
CA LYS E 54 2.00 4.57 14.23
C LYS E 54 2.85 5.17 13.11
N ASN E 55 2.24 5.64 12.03
CA ASN E 55 2.95 6.48 11.08
C ASN E 55 2.25 7.83 10.97
N ASP E 56 0.96 7.80 10.61
CA ASP E 56 0.09 8.97 10.54
C ASP E 56 -1.35 8.50 10.45
N ASP E 57 -2.18 8.97 11.38
CA ASP E 57 -3.61 8.67 11.37
C ASP E 57 -4.32 9.70 12.24
N THR E 58 -5.17 10.51 11.62
CA THR E 58 -5.82 11.59 12.33
C THR E 58 -7.30 11.63 11.98
N LYS E 59 -8.14 11.78 12.99
CA LYS E 59 -9.58 11.95 12.82
C LYS E 59 -9.94 13.38 13.21
N TYR E 60 -10.20 14.22 12.22
CA TYR E 60 -10.45 15.64 12.44
C TYR E 60 -11.93 15.88 12.75
N ASN E 61 -12.18 16.89 13.58
CA ASN E 61 -13.54 17.36 13.83
C ASN E 61 -14.03 18.13 12.60
N GLN E 62 -15.34 18.20 12.42
CA GLN E 62 -15.89 18.93 11.28
C GLN E 62 -15.83 20.43 11.49
N LYS E 63 -15.71 20.87 12.74
CA LYS E 63 -15.62 22.31 13.02
C LYS E 63 -14.16 22.77 13.10
N PHE E 64 -13.29 21.95 13.67
CA PHE E 64 -11.89 22.29 13.86
C PHE E 64 -10.98 21.57 12.87
N LYS E 65 -11.40 21.42 11.62
CA LYS E 65 -10.60 20.68 10.64
C LYS E 65 -9.43 21.53 10.13
N GLY E 66 -9.71 22.77 9.75
CA GLY E 66 -8.67 23.62 9.17
C GLY E 66 -7.96 24.50 10.18
N LYS E 67 -8.39 24.43 11.45
CA LYS E 67 -7.82 25.26 12.50
C LYS E 67 -6.96 24.48 13.48
N ALA E 68 -6.72 23.19 13.21
CA ALA E 68 -5.92 22.38 14.12
C ALA E 68 -5.23 21.27 13.33
N THR E 69 -3.93 21.10 13.57
CA THR E 69 -3.15 20.04 12.95
C THR E 69 -2.44 19.25 14.05
N LEU E 70 -2.34 17.94 13.87
CA LEU E 70 -1.71 17.05 14.83
C LEU E 70 -0.51 16.37 14.21
N THR E 71 0.65 16.52 14.85
CA THR E 71 1.89 15.90 14.40
C THR E 71 2.50 15.11 15.55
N VAL E 72 3.15 14.01 15.21
CA VAL E 72 3.77 13.12 16.19
C VAL E 72 5.20 12.83 15.76
N ASP E 73 6.15 13.12 16.65
CA ASP E 73 7.55 12.76 16.46
C ASP E 73 7.76 11.37 17.02
N LYS E 74 8.36 10.49 16.21
CA LYS E 74 8.57 9.10 16.61
C LYS E 74 9.87 8.88 17.36
N SER E 75 10.77 9.86 17.38
CA SER E 75 12.03 9.71 18.11
C SER E 75 11.80 9.85 19.61
N SER E 76 11.30 10.99 20.04
CA SER E 76 10.97 11.23 21.44
C SER E 76 9.47 11.07 21.66
N SER E 77 9.10 10.57 22.84
CA SER E 77 7.70 10.35 23.17
C SER E 77 7.02 11.68 23.45
N THR E 78 6.44 12.28 22.42
CA THR E 78 5.77 13.57 22.55
C THR E 78 4.68 13.67 21.50
N ALA E 79 3.75 14.60 21.73
CA ALA E 79 2.65 14.88 20.81
C ALA E 79 2.45 16.38 20.74
N CYS E 80 2.65 16.95 19.56
CA CYS E 80 2.57 18.39 19.36
C CYS E 80 1.40 18.73 18.45
N MET E 81 0.74 19.84 18.76
CA MET E 81 -0.37 20.35 17.96
C MET E 81 -0.08 21.77 17.53
N GLU E 82 -0.76 22.22 16.49
CA GLU E 82 -0.58 23.56 15.94
C GLU E 82 -1.93 24.13 15.54
N LEU E 83 -2.18 25.38 15.90
CA LEU E 83 -3.43 26.06 15.61
C LEU E 83 -3.16 27.28 14.75
N ARG E 84 -4.06 27.54 13.80
CA ARG E 84 -3.96 28.67 12.90
C ARG E 84 -5.23 29.52 12.97
N SER E 85 -5.06 30.83 12.74
CA SER E 85 -6.11 31.85 12.74
C SER E 85 -6.86 31.87 14.07
N LEU E 86 -6.12 32.19 15.12
CA LEU E 86 -6.67 32.29 16.46
C LEU E 86 -7.49 33.57 16.60
N THR E 87 -8.44 33.54 17.53
CA THR E 87 -9.33 34.67 17.77
C THR E 87 -9.61 34.78 19.26
N SER E 88 -10.62 35.57 19.62
CA SER E 88 -10.91 35.82 21.02
C SER E 88 -11.60 34.63 21.67
N GLU E 89 -12.43 33.92 20.92
CA GLU E 89 -13.17 32.78 21.45
C GLU E 89 -12.38 31.48 21.45
N ASP E 90 -11.11 31.52 21.05
CA ASP E 90 -10.25 30.35 21.09
C ASP E 90 -9.34 30.31 22.30
N SER E 91 -9.56 31.16 23.29
CA SER E 91 -8.75 31.20 24.50
C SER E 91 -9.34 30.23 25.52
N ALA E 92 -8.78 29.02 25.58
CA ALA E 92 -9.27 28.01 26.50
C ALA E 92 -8.12 27.04 26.80
N VAL E 93 -8.31 26.27 27.87
CA VAL E 93 -7.31 25.28 28.26
C VAL E 93 -7.38 24.08 27.31
N TYR E 94 -6.25 23.39 27.18
CA TYR E 94 -6.13 22.25 26.28
C TYR E 94 -5.62 21.05 27.06
N TYR E 95 -6.24 19.89 26.83
CA TYR E 95 -5.88 18.66 27.51
C TYR E 95 -5.33 17.65 26.51
N CYS E 96 -4.45 16.77 26.98
CA CYS E 96 -3.96 15.65 26.19
C CYS E 96 -3.90 14.41 27.09
N ALA E 97 -4.24 13.26 26.53
CA ALA E 97 -4.33 12.03 27.29
C ALA E 97 -4.24 10.84 26.34
N ARG E 98 -3.95 9.68 26.91
CA ARG E 98 -3.76 8.46 26.13
C ARG E 98 -5.07 7.67 26.02
N GLY E 99 -5.34 7.17 24.83
CA GLY E 99 -6.56 6.44 24.54
C GLY E 99 -6.43 4.95 24.79
N ASP E 100 -6.92 4.17 23.84
CA ASP E 100 -6.97 2.71 23.93
C ASP E 100 -5.99 2.10 22.93
N TYR E 101 -5.65 0.84 23.17
CA TYR E 101 -4.79 0.08 22.26
C TYR E 101 -5.52 -0.18 20.95
N GLU E 102 -5.05 0.47 19.88
CA GLU E 102 -5.56 0.32 18.51
C GLU E 102 -7.05 0.67 18.39
N ASN E 103 -7.48 1.68 19.16
CA ASN E 103 -8.90 2.05 19.20
C ASN E 103 -9.03 3.48 19.68
N TYR E 104 -9.98 4.20 19.10
CA TYR E 104 -10.31 5.56 19.51
C TYR E 104 -11.35 5.62 20.61
N PHE E 105 -11.95 4.49 20.96
CA PHE E 105 -12.94 4.41 22.03
C PHE E 105 -12.22 4.10 23.33
N TYR E 106 -12.99 3.70 24.37
CA TYR E 106 -12.49 3.33 25.70
C TYR E 106 -11.74 4.50 26.33
N ALA E 107 -12.50 5.52 26.75
CA ALA E 107 -11.99 6.87 27.05
C ALA E 107 -10.89 6.89 28.10
N MET E 108 -10.20 8.02 28.15
CA MET E 108 -8.91 8.12 28.82
C MET E 108 -9.04 8.08 30.33
N ASP E 109 -8.12 7.37 30.99
CA ASP E 109 -8.09 7.31 32.45
C ASP E 109 -7.20 8.42 33.00
N TYR E 110 -5.94 8.45 32.56
CA TYR E 110 -4.97 9.43 33.02
C TYR E 110 -4.89 10.59 32.04
N TRP E 111 -5.10 11.80 32.54
CA TRP E 111 -5.14 13.01 31.73
C TRP E 111 -3.86 13.82 31.92
N GLY E 112 -3.83 15.00 31.29
CA GLY E 112 -2.69 15.89 31.37
C GLY E 112 -2.81 16.89 32.50
N GLN E 113 -2.00 17.95 32.39
CA GLN E 113 -1.95 19.00 33.40
C GLN E 113 -2.79 20.22 33.05
N GLY E 114 -3.20 20.36 31.80
CA GLY E 114 -4.07 21.46 31.42
C GLY E 114 -3.38 22.81 31.29
N THR E 115 -2.51 22.94 30.29
CA THR E 115 -1.84 24.21 30.03
C THR E 115 -2.82 25.21 29.42
N SER E 116 -2.97 26.36 30.08
CA SER E 116 -3.88 27.38 29.60
C SER E 116 -3.22 28.21 28.50
N VAL E 117 -4.00 28.49 27.45
CA VAL E 117 -3.55 29.30 26.33
C VAL E 117 -4.55 30.43 26.14
N THR E 118 -4.07 31.67 26.25
CA THR E 118 -4.90 32.84 26.07
C THR E 118 -4.46 33.63 24.84
N VAL E 119 -5.43 34.22 24.16
CA VAL E 119 -5.18 35.01 22.95
C VAL E 119 -5.69 36.42 23.20
N SER E 120 -4.76 37.38 23.29
CA SER E 120 -5.12 38.76 23.54
C SER E 120 -4.04 39.67 22.95
N SER E 121 -4.46 40.83 22.44
CA SER E 121 -3.56 41.81 21.86
C SER E 121 -3.27 42.97 22.80
N ALA E 122 -3.64 42.86 24.08
CA ALA E 122 -3.43 43.94 25.03
C ALA E 122 -1.97 44.02 25.46
N LYS E 123 -1.53 45.23 25.76
CA LYS E 123 -0.17 45.46 26.22
C LYS E 123 -0.10 45.28 27.73
N THR E 124 1.06 44.80 28.21
CA THR E 124 1.25 44.58 29.64
C THR E 124 1.33 45.92 30.37
N THR E 125 0.46 46.09 31.36
CA THR E 125 0.34 47.32 32.12
C THR E 125 0.56 47.04 33.60
N PRO E 126 1.41 47.82 34.27
CA PRO E 126 1.57 47.67 35.72
C PRO E 126 0.31 48.09 36.45
N PRO E 127 -0.06 47.37 37.52
CA PRO E 127 -1.34 47.64 38.17
C PRO E 127 -1.28 48.89 39.05
N SER E 128 -2.46 49.51 39.21
CA SER E 128 -2.62 50.68 40.07
C SER E 128 -3.75 50.38 41.05
N VAL E 129 -3.43 50.49 42.35
CA VAL E 129 -4.40 50.17 43.39
C VAL E 129 -5.40 51.30 43.54
N TYR E 130 -6.52 51.02 44.23
CA TYR E 130 -7.57 51.99 44.47
C TYR E 130 -7.96 51.95 45.93
N PRO E 131 -7.84 53.07 46.65
CA PRO E 131 -8.21 53.09 48.06
C PRO E 131 -9.72 53.13 48.26
N LEU E 132 -10.18 52.47 49.31
CA LEU E 132 -11.60 52.41 49.67
C LEU E 132 -11.71 52.33 51.17
N ALA E 133 -12.20 53.41 51.80
CA ALA E 133 -12.31 53.49 53.24
C ALA E 133 -13.58 54.22 53.60
N PRO E 134 -14.30 53.79 54.64
CA PRO E 134 -15.51 54.50 55.06
C PRO E 134 -15.17 55.82 55.74
N GLY E 135 -15.98 56.84 55.48
CA GLY E 135 -17.15 56.78 54.61
C GLY E 135 -18.03 58.00 54.70
N CYS E 136 -19.34 57.78 54.88
CA CYS E 136 -20.30 58.87 54.96
C CYS E 136 -20.34 59.52 56.34
N GLY E 137 -19.61 59.00 57.31
CA GLY E 137 -19.57 59.56 58.65
C GLY E 137 -20.34 58.79 59.68
N ASP E 138 -21.25 57.91 59.27
CA ASP E 138 -22.05 57.09 60.18
C ASP E 138 -21.74 55.63 59.90
N THR E 139 -21.16 54.94 60.88
CA THR E 139 -20.79 53.54 60.74
C THR E 139 -21.96 52.66 61.15
N THR E 140 -22.39 51.78 60.24
CA THR E 140 -23.49 50.87 60.50
C THR E 140 -23.28 49.60 59.68
N GLY E 141 -23.44 48.43 60.31
CA GLY E 141 -23.74 48.31 61.72
C GLY E 141 -22.51 48.05 62.58
N SER E 142 -22.47 46.89 63.22
CA SER E 142 -21.34 46.53 64.08
C SER E 142 -20.14 46.04 63.29
N SER E 143 -20.31 45.72 62.01
CA SER E 143 -19.22 45.23 61.16
C SER E 143 -18.86 46.30 60.15
N VAL E 144 -17.64 46.81 60.23
CA VAL E 144 -17.16 47.83 59.30
C VAL E 144 -16.23 47.16 58.30
N THR E 145 -16.78 46.77 57.16
CA THR E 145 -16.04 46.08 56.12
C THR E 145 -15.42 47.10 55.16
N LEU E 146 -14.40 46.65 54.42
CA LEU E 146 -13.70 47.51 53.48
C LEU E 146 -13.09 46.63 52.39
N GLY E 147 -12.24 47.23 51.57
CA GLY E 147 -11.58 46.50 50.52
C GLY E 147 -10.73 47.39 49.66
N CYS E 148 -10.27 46.83 48.54
CA CYS E 148 -9.45 47.56 47.58
C CYS E 148 -9.78 47.07 46.18
N LEU E 149 -9.34 47.84 45.18
CA LEU E 149 -9.64 47.55 43.79
C LEU E 149 -8.37 47.70 42.97
N VAL E 150 -8.17 46.77 42.03
CA VAL E 150 -7.01 46.76 41.15
C VAL E 150 -7.51 47.05 39.73
N LYS E 151 -6.87 48.00 39.05
CA LYS E 151 -7.25 48.37 37.70
C LYS E 151 -6.01 48.59 36.85
N GLY E 152 -5.96 47.91 35.71
CA GLY E 152 -4.85 48.08 34.78
C GLY E 152 -3.76 47.05 34.96
N TYR E 153 -4.11 45.78 35.05
CA TYR E 153 -3.16 44.69 35.18
C TYR E 153 -3.32 43.70 34.04
N PHE E 154 -2.19 43.21 33.53
CA PHE E 154 -2.17 42.25 32.43
C PHE E 154 -0.84 41.51 32.41
N PRO E 155 -0.85 40.16 32.33
CA PRO E 155 -2.03 39.30 32.33
C PRO E 155 -2.40 38.81 33.74
N GLU E 156 -3.19 37.74 33.80
CA GLU E 156 -3.55 37.14 35.07
C GLU E 156 -2.35 36.40 35.67
N SER E 157 -2.13 36.54 36.98
CA SER E 157 -2.96 37.32 37.90
C SER E 157 -2.09 38.09 38.90
N VAL E 158 -2.72 38.63 39.94
CA VAL E 158 -2.02 39.35 41.00
C VAL E 158 -2.16 38.58 42.30
N THR E 159 -1.46 39.05 43.34
CA THR E 159 -1.50 38.44 44.65
C THR E 159 -2.09 39.40 45.67
N VAL E 160 -2.70 38.85 46.70
CA VAL E 160 -3.32 39.63 47.77
C VAL E 160 -2.46 39.52 49.02
N THR E 161 -2.41 40.59 49.80
CA THR E 161 -1.63 40.64 51.04
C THR E 161 -2.28 41.62 52.00
N TRP E 162 -2.67 41.12 53.18
CA TRP E 162 -3.31 41.94 54.19
C TRP E 162 -2.49 41.88 55.47
N ASN E 163 -1.75 42.97 55.74
CA ASN E 163 -0.89 43.13 56.93
C ASN E 163 0.15 42.02 57.05
N SER E 164 0.81 41.74 55.91
CA SER E 164 1.85 40.72 55.77
C SER E 164 1.36 39.33 56.19
N GLY E 165 0.13 39.01 55.83
CA GLY E 165 -0.44 37.71 56.14
C GLY E 165 -0.85 37.54 57.59
N SER E 166 -1.57 38.51 58.15
CA SER E 166 -2.02 38.40 59.53
C SER E 166 -3.33 37.63 59.63
N LEU E 167 -4.34 38.06 58.88
CA LEU E 167 -5.65 37.39 58.85
C LEU E 167 -5.82 36.75 57.49
N SER E 168 -6.06 35.43 57.49
CA SER E 168 -6.21 34.67 56.25
C SER E 168 -7.60 34.07 56.08
N SER E 169 -8.45 34.14 57.10
CA SER E 169 -9.77 33.53 57.03
C SER E 169 -10.86 34.49 56.57
N SER E 170 -10.61 35.80 56.64
CA SER E 170 -11.61 36.80 56.29
C SER E 170 -11.36 37.45 54.93
N VAL E 171 -10.26 37.12 54.26
CA VAL E 171 -9.93 37.69 52.97
C VAL E 171 -10.47 36.78 51.87
N HIS E 172 -11.28 37.34 50.98
CA HIS E 172 -11.87 36.61 49.87
C HIS E 172 -11.29 37.09 48.55
N THR E 173 -11.25 36.19 47.58
CA THR E 173 -10.74 36.50 46.24
C THR E 173 -11.92 36.62 45.28
N PHE E 174 -11.62 37.17 44.09
CA PHE E 174 -12.63 37.36 43.06
C PHE E 174 -12.00 37.18 41.69
N PRO E 175 -12.73 36.61 40.73
CA PRO E 175 -12.19 36.47 39.37
C PRO E 175 -12.16 37.80 38.61
N ALA E 176 -11.54 37.80 37.45
CA ALA E 176 -11.44 39.01 36.63
C ALA E 176 -12.76 39.25 35.89
N LEU E 177 -12.93 40.47 35.41
CA LEU E 177 -14.12 40.86 34.68
C LEU E 177 -13.73 41.60 33.41
N LEU E 178 -14.55 41.47 32.37
CA LEU E 178 -14.25 42.06 31.07
C LEU E 178 -14.92 43.42 30.97
N GLN E 179 -14.11 44.48 30.92
CA GLN E 179 -14.58 45.85 30.72
C GLN E 179 -13.67 46.54 29.73
N SER E 180 -14.10 46.61 28.47
CA SER E 180 -13.40 47.28 27.36
C SER E 180 -11.99 46.71 27.16
N GLY E 181 -11.89 45.38 27.27
CA GLY E 181 -10.63 44.70 27.08
C GLY E 181 -9.69 44.72 28.27
N LEU E 182 -10.11 45.30 29.39
CA LEU E 182 -9.30 45.36 30.60
C LEU E 182 -9.93 44.53 31.70
N TYR E 183 -9.14 44.21 32.71
CA TYR E 183 -9.57 43.37 33.82
C TYR E 183 -9.54 44.18 35.12
N THR E 184 -10.28 43.68 36.11
CA THR E 184 -10.38 44.36 37.40
C THR E 184 -10.44 43.32 38.51
N MET E 185 -10.12 43.77 39.72
CA MET E 185 -10.15 42.94 40.91
C MET E 185 -10.93 43.63 42.02
N SER E 186 -11.27 42.86 43.05
CA SER E 186 -12.01 43.38 44.19
C SER E 186 -11.72 42.51 45.40
N SER E 187 -12.15 42.98 46.56
CA SER E 187 -11.93 42.26 47.81
C SER E 187 -13.00 42.69 48.81
N SER E 188 -13.29 41.80 49.76
CA SER E 188 -14.26 42.05 50.82
C SER E 188 -13.83 41.33 52.08
N VAL E 189 -13.42 42.11 53.08
CA VAL E 189 -12.96 41.58 54.36
C VAL E 189 -13.90 42.07 55.45
N THR E 190 -14.47 41.14 56.21
CA THR E 190 -15.40 41.44 57.28
C THR E 190 -14.61 41.82 58.54
N VAL E 191 -14.60 43.12 58.86
CA VAL E 191 -13.87 43.64 60.01
C VAL E 191 -14.88 44.22 60.99
N PRO E 192 -14.80 43.90 62.29
CA PRO E 192 -15.72 44.50 63.26
C PRO E 192 -15.40 45.97 63.56
N SER E 193 -16.18 46.57 64.45
CA SER E 193 -16.03 47.99 64.79
C SER E 193 -14.95 48.25 65.83
N SER E 194 -14.18 47.23 66.23
CA SER E 194 -13.11 47.41 67.20
C SER E 194 -11.80 47.87 66.55
N THR E 195 -11.74 47.95 65.23
CA THR E 195 -10.51 48.35 64.53
C THR E 195 -10.51 49.86 64.29
N TRP E 196 -11.55 50.37 63.64
CA TRP E 196 -11.65 51.79 63.34
C TRP E 196 -12.31 52.52 64.51
N PRO E 197 -11.76 53.68 64.92
CA PRO E 197 -10.55 54.33 64.41
C PRO E 197 -9.30 54.05 65.25
N SER E 198 -9.34 52.99 66.05
CA SER E 198 -8.21 52.65 66.91
C SER E 198 -7.03 52.13 66.11
N GLN E 199 -7.24 51.03 65.38
CA GLN E 199 -6.19 50.47 64.55
C GLN E 199 -6.35 50.89 63.10
N THR E 200 -5.24 50.86 62.36
CA THR E 200 -5.21 51.25 60.96
C THR E 200 -4.86 50.04 60.11
N VAL E 201 -5.71 49.75 59.13
CA VAL E 201 -5.53 48.63 58.22
C VAL E 201 -5.05 49.17 56.88
N THR E 202 -4.45 48.28 56.08
CA THR E 202 -3.92 48.63 54.77
C THR E 202 -4.08 47.45 53.82
N CYS E 203 -4.04 47.76 52.52
CA CYS E 203 -4.15 46.76 51.47
C CYS E 203 -2.98 46.93 50.51
N SER E 204 -2.31 45.82 50.19
CA SER E 204 -1.16 45.83 49.29
C SER E 204 -1.33 44.72 48.27
N VAL E 205 -1.27 45.07 46.99
CA VAL E 205 -1.42 44.13 45.89
C VAL E 205 -0.11 44.09 45.11
N ALA E 206 0.45 42.90 44.97
CA ALA E 206 1.70 42.70 44.24
C ALA E 206 1.43 41.92 42.95
N HIS E 207 2.13 42.29 41.89
CA HIS E 207 1.98 41.64 40.60
C HIS E 207 3.24 40.85 40.28
N PRO E 208 3.18 39.51 40.23
CA PRO E 208 4.41 38.74 39.96
C PRO E 208 4.85 38.81 38.50
N ALA E 209 3.96 39.14 37.58
CA ALA E 209 4.33 39.15 36.16
C ALA E 209 5.09 40.42 35.81
N SER E 210 4.57 41.58 36.21
CA SER E 210 5.17 42.87 35.88
C SER E 210 6.15 43.36 36.94
N SER E 211 6.29 42.61 38.05
CA SER E 211 7.18 42.94 39.17
C SER E 211 6.88 44.31 39.76
N THR E 212 5.59 44.57 39.98
CA THR E 212 5.12 45.84 40.52
C THR E 212 4.35 45.58 41.81
N THR E 213 4.87 46.13 42.92
CA THR E 213 4.24 45.99 44.24
C THR E 213 3.93 47.38 44.76
N VAL E 214 2.64 47.70 44.84
CA VAL E 214 2.17 49.01 45.30
C VAL E 214 1.43 48.82 46.61
N ASP E 215 1.83 49.58 47.62
CA ASP E 215 1.20 49.53 48.95
C ASP E 215 0.40 50.81 49.16
N LYS E 216 -0.84 50.65 49.63
CA LYS E 216 -1.73 51.77 49.87
C LYS E 216 -2.27 51.69 51.29
N LYS E 217 -2.22 52.82 52.01
CA LYS E 217 -2.70 52.90 53.37
C LYS E 217 -4.17 53.30 53.36
N LEU E 218 -5.02 52.46 53.97
CA LEU E 218 -6.45 52.72 54.03
C LEU E 218 -6.81 53.49 55.31
N ASP F 1 -24.55 15.21 14.34
CA ASP F 1 -23.85 15.14 15.62
C ASP F 1 -24.81 14.81 16.76
N ILE F 2 -24.49 13.75 17.50
CA ILE F 2 -25.32 13.33 18.63
C ILE F 2 -24.99 14.21 19.83
N GLN F 3 -25.94 15.05 20.23
CA GLN F 3 -25.76 15.95 21.36
C GLN F 3 -26.30 15.32 22.64
N MET F 4 -25.74 15.73 23.77
CA MET F 4 -26.12 15.23 25.07
C MET F 4 -26.61 16.36 25.96
N THR F 5 -27.69 16.10 26.69
CA THR F 5 -28.27 17.06 27.62
C THR F 5 -28.37 16.41 29.00
N GLN F 6 -27.72 17.02 29.99
CA GLN F 6 -27.75 16.52 31.35
C GLN F 6 -28.74 17.31 32.20
N SER F 7 -29.37 16.62 33.15
CA SER F 7 -30.33 17.24 34.05
C SER F 7 -30.08 16.72 35.45
N PRO F 8 -30.03 17.61 36.47
CA PRO F 8 -30.14 19.07 36.35
C PRO F 8 -28.82 19.76 36.07
N ALA F 9 -28.83 21.08 35.96
CA ALA F 9 -27.59 21.82 35.73
C ALA F 9 -26.77 21.94 37.00
N SER F 10 -27.43 22.12 38.14
CA SER F 10 -26.75 22.20 39.43
C SER F 10 -27.64 21.58 40.49
N LEU F 11 -27.05 20.74 41.34
CA LEU F 11 -27.77 20.06 42.40
C LEU F 11 -26.95 20.13 43.68
N SER F 12 -27.52 20.77 44.70
CA SER F 12 -26.86 20.92 46.00
C SER F 12 -27.54 20.01 47.01
N VAL F 13 -26.75 19.15 47.65
CA VAL F 13 -27.26 18.24 48.67
C VAL F 13 -26.17 18.04 49.72
N SER F 14 -26.57 17.62 50.91
CA SER F 14 -25.64 17.46 52.02
C SER F 14 -24.93 16.11 51.91
N VAL F 15 -24.02 15.85 52.83
CA VAL F 15 -23.26 14.61 52.86
C VAL F 15 -24.08 13.52 53.52
N GLY F 16 -24.28 12.42 52.81
CA GLY F 16 -25.05 11.31 53.31
C GLY F 16 -26.35 11.02 52.61
N GLU F 17 -26.58 11.60 51.43
CA GLU F 17 -27.79 11.38 50.65
C GLU F 17 -27.42 10.86 49.27
N THR F 18 -28.34 10.12 48.68
CA THR F 18 -28.12 9.54 47.36
C THR F 18 -28.29 10.60 46.27
N VAL F 19 -27.35 10.62 45.33
CA VAL F 19 -27.36 11.56 44.22
C VAL F 19 -27.56 10.78 42.93
N THR F 20 -28.59 11.15 42.18
CA THR F 20 -28.91 10.49 40.91
C THR F 20 -28.91 11.52 39.80
N ILE F 21 -27.89 11.47 38.95
CA ILE F 21 -27.80 12.35 37.79
C ILE F 21 -28.09 11.54 36.54
N THR F 22 -28.65 12.20 35.53
CA THR F 22 -29.07 11.55 34.30
C THR F 22 -28.34 12.14 33.10
N CYS F 23 -27.96 11.27 32.17
CA CYS F 23 -27.38 11.66 30.90
C CYS F 23 -28.22 11.08 29.77
N ARG F 24 -28.56 11.93 28.80
CA ARG F 24 -29.46 11.53 27.74
C ARG F 24 -28.88 11.96 26.40
N ALA F 25 -28.85 11.01 25.46
CA ALA F 25 -28.36 11.26 24.10
C ALA F 25 -29.53 11.26 23.13
N SER F 26 -29.35 11.95 22.00
CA SER F 26 -30.41 12.04 21.01
C SER F 26 -30.59 10.75 20.23
N GLU F 27 -29.55 9.94 20.09
CA GLU F 27 -29.62 8.67 19.38
C GLU F 27 -29.10 7.56 20.26
N ASN F 28 -29.35 6.32 19.84
CA ASN F 28 -28.87 5.16 20.57
C ASN F 28 -27.36 5.00 20.36
N ILE F 29 -26.63 4.91 21.46
CA ILE F 29 -25.17 4.78 21.42
C ILE F 29 -24.72 3.40 21.89
N TYR F 30 -25.66 2.52 22.24
CA TYR F 30 -25.43 1.10 22.56
C TYR F 30 -24.49 0.93 23.76
N SER F 31 -24.87 1.60 24.87
CA SER F 31 -24.21 1.50 26.17
C SER F 31 -22.73 1.89 26.12
N ASN F 32 -22.43 2.89 25.29
CA ASN F 32 -21.07 3.44 25.19
C ASN F 32 -21.05 4.78 25.91
N LEU F 33 -20.84 4.74 27.22
CA LEU F 33 -20.92 5.90 28.08
C LEU F 33 -19.75 5.95 29.04
N ALA F 34 -19.28 7.17 29.32
CA ALA F 34 -18.23 7.41 30.31
C ALA F 34 -18.73 8.43 31.30
N TRP F 35 -17.95 8.61 32.37
CA TRP F 35 -18.25 9.60 33.39
C TRP F 35 -16.96 10.21 33.92
N TYR F 36 -16.95 11.53 34.04
CA TYR F 36 -15.77 12.26 34.48
C TYR F 36 -16.08 13.01 35.78
N GLN F 37 -15.03 13.32 36.52
CA GLN F 37 -15.12 14.11 37.75
C GLN F 37 -14.02 15.15 37.73
N GLN F 38 -14.39 16.41 37.54
CA GLN F 38 -13.43 17.52 37.45
C GLN F 38 -13.62 18.41 38.67
N LYS F 39 -12.55 18.59 39.43
CA LYS F 39 -12.58 19.46 40.61
C LYS F 39 -12.21 20.89 40.19
N GLN F 40 -12.00 21.76 41.17
CA GLN F 40 -11.65 23.14 40.90
C GLN F 40 -10.19 23.25 40.50
N GLY F 41 -9.94 23.51 39.21
CA GLY F 41 -8.59 23.65 38.73
C GLY F 41 -7.81 22.36 38.62
N LYS F 42 -8.50 21.23 38.51
CA LYS F 42 -7.86 19.92 38.41
C LYS F 42 -8.29 19.22 37.13
N SER F 43 -7.52 18.21 36.73
CA SER F 43 -7.82 17.43 35.55
C SER F 43 -8.92 16.41 35.85
N PRO F 44 -9.81 16.15 34.89
CA PRO F 44 -10.87 15.15 35.11
C PRO F 44 -10.31 13.73 35.14
N GLN F 45 -11.02 12.87 35.86
CA GLN F 45 -10.64 11.47 35.98
C GLN F 45 -11.84 10.60 35.61
N LEU F 46 -11.56 9.45 35.00
CA LEU F 46 -12.60 8.53 34.59
C LEU F 46 -13.15 7.77 35.80
N LEU F 47 -14.47 7.73 35.93
CA LEU F 47 -15.12 7.07 37.05
C LEU F 47 -15.63 5.70 36.65
N VAL F 48 -16.44 5.60 35.59
CA VAL F 48 -17.03 4.34 35.17
C VAL F 48 -17.15 4.35 33.65
N TYR F 49 -16.58 3.33 33.00
CA TYR F 49 -16.63 3.19 31.56
C TYR F 49 -17.66 2.15 31.17
N ALA F 50 -18.34 2.42 30.04
CA ALA F 50 -19.40 1.58 29.46
C ALA F 50 -20.58 1.36 30.41
N ALA F 51 -20.77 2.28 31.36
CA ALA F 51 -21.91 2.37 32.29
C ALA F 51 -22.11 1.15 33.20
N THR F 52 -21.16 0.23 33.24
CA THR F 52 -21.29 -0.92 34.13
C THR F 52 -20.00 -1.21 34.90
N ASN F 53 -18.86 -0.80 34.36
CA ASN F 53 -17.58 -1.14 34.96
C ASN F 53 -16.84 0.13 35.37
N LEU F 54 -16.44 0.19 36.64
CA LEU F 54 -15.67 1.33 37.14
C LEU F 54 -14.19 1.17 36.84
N ALA F 55 -13.49 2.29 36.73
CA ALA F 55 -12.08 2.28 36.40
C ALA F 55 -11.24 2.05 37.67
N ASP F 56 -9.93 2.06 37.50
CA ASP F 56 -9.02 1.87 38.62
C ASP F 56 -8.97 3.12 39.48
N GLY F 57 -8.80 2.92 40.79
CA GLY F 57 -8.82 4.02 41.73
C GLY F 57 -10.18 4.59 42.02
N VAL F 58 -11.24 3.88 41.68
CA VAL F 58 -12.62 4.32 41.89
C VAL F 58 -13.25 3.42 42.94
N PRO F 59 -13.84 3.97 43.99
CA PRO F 59 -14.47 3.13 45.01
C PRO F 59 -15.79 2.55 44.54
N SER F 60 -16.37 1.70 45.39
CA SER F 60 -17.61 1.00 45.07
C SER F 60 -18.86 1.85 45.30
N ARG F 61 -18.70 3.10 45.76
CA ARG F 61 -19.86 3.96 45.98
C ARG F 61 -20.46 4.46 44.68
N PHE F 62 -19.69 4.53 43.61
CA PHE F 62 -20.18 4.96 42.31
C PHE F 62 -20.70 3.75 41.54
N SER F 63 -22.00 3.75 41.23
CA SER F 63 -22.62 2.65 40.51
C SER F 63 -23.52 3.23 39.41
N GLY F 64 -23.14 3.01 38.16
CA GLY F 64 -23.93 3.48 37.04
C GLY F 64 -24.78 2.38 36.44
N SER F 65 -25.90 2.79 35.84
CA SER F 65 -26.82 1.86 35.21
C SER F 65 -27.64 2.60 34.17
N GLY F 66 -28.02 1.88 33.12
CA GLY F 66 -28.81 2.46 32.06
C GLY F 66 -28.65 1.69 30.76
N SER F 67 -29.63 1.86 29.89
CA SER F 67 -29.64 1.21 28.59
C SER F 67 -30.36 2.11 27.60
N GLY F 68 -30.04 1.91 26.32
CA GLY F 68 -30.67 2.68 25.26
C GLY F 68 -30.16 4.10 25.19
N THR F 69 -31.07 5.07 25.34
CA THR F 69 -30.71 6.49 25.28
C THR F 69 -30.59 7.09 26.68
N GLN F 70 -31.60 6.88 27.52
CA GLN F 70 -31.59 7.44 28.86
C GLN F 70 -30.67 6.64 29.77
N TYR F 71 -29.86 7.33 30.56
CA TYR F 71 -28.90 6.72 31.46
C TYR F 71 -29.03 7.35 32.84
N SER F 72 -28.29 6.79 33.79
CA SER F 72 -28.32 7.27 35.17
C SER F 72 -27.01 6.93 35.87
N LEU F 73 -26.71 7.67 36.92
CA LEU F 73 -25.53 7.45 37.74
C LEU F 73 -25.91 7.68 39.19
N LYS F 74 -25.83 6.62 40.01
CA LYS F 74 -26.22 6.67 41.40
C LYS F 74 -24.98 6.72 42.29
N ILE F 75 -24.97 7.66 43.23
CA ILE F 75 -23.87 7.83 44.17
C ILE F 75 -24.41 7.57 45.57
N ASN F 76 -23.97 6.46 46.17
CA ASN F 76 -24.38 6.10 47.52
C ASN F 76 -23.25 5.33 48.20
N SER F 77 -22.73 5.85 49.31
CA SER F 77 -23.16 7.12 49.90
C SER F 77 -22.24 8.26 49.51
N LEU F 78 -22.76 9.48 49.53
CA LEU F 78 -21.97 10.64 49.14
C LEU F 78 -20.99 11.00 50.25
N GLN F 79 -19.77 11.37 49.86
CA GLN F 79 -18.72 11.78 50.78
C GLN F 79 -18.41 13.27 50.57
N SER F 80 -17.41 13.75 51.31
CA SER F 80 -17.05 15.16 51.25
C SER F 80 -16.07 15.48 50.14
N GLU F 81 -15.45 14.48 49.53
CA GLU F 81 -14.47 14.69 48.47
C GLU F 81 -15.05 14.45 47.08
N ASP F 82 -16.34 14.16 46.97
CA ASP F 82 -16.97 13.87 45.69
C ASP F 82 -17.59 15.11 45.05
N PHE F 83 -17.25 16.31 45.52
CA PHE F 83 -17.81 17.53 44.94
C PHE F 83 -17.10 17.87 43.64
N GLY F 84 -17.84 18.42 42.69
CA GLY F 84 -17.29 18.79 41.40
C GLY F 84 -18.31 18.56 40.30
N THR F 85 -17.92 18.97 39.11
CA THR F 85 -18.78 18.82 37.94
C THR F 85 -18.61 17.44 37.32
N TYR F 86 -19.68 16.96 36.69
CA TYR F 86 -19.74 15.64 36.09
C TYR F 86 -20.15 15.75 34.63
N TYR F 87 -19.48 14.99 33.77
CA TYR F 87 -19.77 14.98 32.34
C TYR F 87 -19.93 13.54 31.86
N CYS F 88 -20.62 13.38 30.74
CA CYS F 88 -20.76 12.09 30.09
C CYS F 88 -20.29 12.19 28.65
N GLN F 89 -19.74 11.09 28.15
CA GLN F 89 -19.12 11.06 26.83
C GLN F 89 -19.59 9.80 26.09
N GLN F 90 -19.89 9.96 24.80
CA GLN F 90 -20.32 8.87 23.94
C GLN F 90 -19.16 8.35 23.12
N PHE F 91 -19.24 7.07 22.74
CA PHE F 91 -18.25 6.45 21.86
C PHE F 91 -18.85 5.95 20.56
N TRP F 92 -19.96 6.54 20.10
CA TRP F 92 -20.64 5.98 18.93
C TRP F 92 -20.32 6.75 17.66
N ASP F 93 -20.58 8.06 17.67
CA ASP F 93 -20.46 8.86 16.46
C ASP F 93 -19.27 9.81 16.59
N THR F 94 -18.56 9.99 15.47
CA THR F 94 -17.50 10.96 15.32
C THR F 94 -18.08 12.28 14.81
N PRO F 95 -17.84 13.41 15.49
CA PRO F 95 -17.03 13.63 16.69
C PRO F 95 -17.73 13.28 17.99
N PHE F 96 -16.93 12.99 19.02
CA PHE F 96 -17.46 12.69 20.34
C PHE F 96 -17.92 13.97 21.02
N THR F 97 -19.08 13.94 21.64
CA THR F 97 -19.66 15.09 22.31
C THR F 97 -19.74 14.85 23.81
N PHE F 98 -19.74 15.94 24.56
CA PHE F 98 -19.80 15.90 26.02
C PHE F 98 -21.09 16.52 26.51
N GLY F 99 -21.40 16.28 27.78
CA GLY F 99 -22.59 16.83 28.38
C GLY F 99 -22.41 18.28 28.80
N SER F 100 -23.49 18.86 29.32
CA SER F 100 -23.47 20.24 29.75
C SER F 100 -22.81 20.43 31.10
N GLY F 101 -22.78 19.40 31.94
CA GLY F 101 -22.17 19.49 33.24
C GLY F 101 -23.19 19.59 34.36
N THR F 102 -22.85 19.00 35.50
CA THR F 102 -23.71 19.01 36.68
C THR F 102 -22.85 19.28 37.91
N LYS F 103 -22.96 20.48 38.45
CA LYS F 103 -22.20 20.87 39.63
C LYS F 103 -22.85 20.33 40.89
N LEU F 104 -22.04 19.79 41.79
CA LEU F 104 -22.51 19.20 43.04
C LEU F 104 -21.99 20.05 44.19
N ALA F 105 -22.91 20.73 44.88
CA ALA F 105 -22.58 21.59 46.00
C ALA F 105 -23.05 20.92 47.30
N ILE F 106 -22.83 21.64 48.41
CA ILE F 106 -23.20 21.17 49.75
C ILE F 106 -24.37 22.00 50.24
N LYS F 107 -25.43 21.33 50.68
CA LYS F 107 -26.62 22.02 51.14
C LYS F 107 -26.45 22.50 52.57
N ARG F 108 -26.80 23.77 52.81
CA ARG F 108 -26.73 24.38 54.13
C ARG F 108 -28.09 24.98 54.48
N ALA F 109 -28.14 25.68 55.61
CA ALA F 109 -29.35 26.34 56.06
C ALA F 109 -29.45 27.73 55.45
N ASP F 110 -30.48 28.48 55.87
CA ASP F 110 -30.69 29.83 55.38
C ASP F 110 -29.75 30.79 56.09
N ALA F 111 -29.16 31.72 55.32
CA ALA F 111 -28.24 32.70 55.87
C ALA F 111 -28.55 34.07 55.29
N ALA F 112 -28.40 35.10 56.13
CA ALA F 112 -28.68 36.47 55.71
C ALA F 112 -27.41 37.12 55.15
N PRO F 113 -27.51 37.81 54.02
CA PRO F 113 -26.31 38.45 53.45
C PRO F 113 -25.94 39.72 54.19
N THR F 114 -24.69 40.13 53.99
CA THR F 114 -24.15 41.33 54.63
C THR F 114 -24.14 42.46 53.60
N VAL F 115 -24.89 43.52 53.87
CA VAL F 115 -24.98 44.65 52.97
C VAL F 115 -23.73 45.51 53.09
N SER F 116 -23.08 45.77 51.96
CA SER F 116 -21.88 46.60 51.93
C SER F 116 -21.97 47.57 50.76
N ILE F 117 -22.26 48.83 51.06
CA ILE F 117 -22.38 49.88 50.06
C ILE F 117 -21.40 50.98 50.41
N PHE F 118 -20.54 51.32 49.45
CA PHE F 118 -19.49 52.31 49.68
C PHE F 118 -19.55 53.41 48.63
N PRO F 119 -19.43 54.67 49.03
CA PRO F 119 -19.37 55.76 48.06
C PRO F 119 -18.01 55.82 47.40
N PRO F 120 -17.92 56.34 46.17
CA PRO F 120 -16.61 56.45 45.52
C PRO F 120 -15.77 57.56 46.11
N SER F 121 -14.46 57.42 45.94
CA SER F 121 -13.49 58.36 46.47
C SER F 121 -13.19 59.44 45.43
N SER F 122 -12.14 60.21 45.67
CA SER F 122 -11.72 61.28 44.77
C SER F 122 -10.43 60.98 44.04
N GLU F 123 -9.81 59.82 44.28
CA GLU F 123 -8.54 59.50 43.63
C GLU F 123 -8.76 59.02 42.20
N GLN F 124 -9.91 58.39 41.92
CA GLN F 124 -10.16 57.88 40.58
C GLN F 124 -10.66 58.96 39.63
N LEU F 125 -10.98 60.16 40.14
CA LEU F 125 -11.47 61.24 39.29
C LEU F 125 -10.35 61.89 38.49
N THR F 126 -9.09 61.65 38.85
CA THR F 126 -7.98 62.21 38.08
C THR F 126 -7.81 61.52 36.74
N SER F 127 -8.10 60.22 36.66
CA SER F 127 -7.97 59.47 35.43
C SER F 127 -9.18 59.61 34.51
N GLY F 128 -10.21 60.34 34.93
CA GLY F 128 -11.38 60.54 34.10
C GLY F 128 -12.44 59.48 34.22
N GLY F 129 -12.66 58.92 35.41
CA GLY F 129 -13.68 57.91 35.60
C GLY F 129 -14.18 57.90 37.02
N ALA F 130 -15.17 57.04 37.26
CA ALA F 130 -15.77 56.88 38.57
C ALA F 130 -16.37 55.48 38.67
N SER F 131 -16.24 54.87 39.85
CA SER F 131 -16.74 53.52 40.07
C SER F 131 -17.30 53.40 41.47
N VAL F 132 -18.55 52.96 41.57
CA VAL F 132 -19.22 52.71 42.85
C VAL F 132 -19.44 51.20 42.99
N VAL F 133 -18.96 50.63 44.08
CA VAL F 133 -18.97 49.20 44.30
C VAL F 133 -20.07 48.85 45.30
N CYS F 134 -20.51 47.59 45.26
CA CYS F 134 -21.53 47.08 46.17
C CYS F 134 -21.29 45.59 46.35
N PHE F 135 -20.93 45.17 47.56
CA PHE F 135 -20.58 43.79 47.84
C PHE F 135 -21.59 43.17 48.79
N LEU F 136 -21.74 41.85 48.68
CA LEU F 136 -22.55 41.06 49.60
C LEU F 136 -21.84 39.75 49.90
N ASN F 137 -21.81 39.40 51.18
CA ASN F 137 -21.11 38.21 51.64
C ASN F 137 -22.02 37.39 52.52
N ASN F 138 -21.70 36.09 52.62
CA ASN F 138 -22.39 35.10 53.47
C ASN F 138 -23.87 35.00 53.10
N PHE F 139 -24.14 34.55 51.87
CA PHE F 139 -25.50 34.38 51.37
C PHE F 139 -25.66 32.98 50.79
N TYR F 140 -26.88 32.45 50.88
CA TYR F 140 -27.21 31.14 50.37
C TYR F 140 -28.72 31.09 50.11
N PRO F 141 -29.15 30.59 48.94
CA PRO F 141 -28.35 30.06 47.84
C PRO F 141 -27.83 31.13 46.88
N LYS F 142 -27.44 30.69 45.67
CA LYS F 142 -26.84 31.58 44.68
C LYS F 142 -27.87 32.37 43.87
N ASP F 143 -29.16 32.19 44.13
CA ASP F 143 -30.20 32.90 43.39
C ASP F 143 -30.28 34.34 43.87
N ILE F 144 -29.93 35.28 43.00
CA ILE F 144 -29.94 36.70 43.34
C ILE F 144 -30.17 37.49 42.06
N ASN F 145 -30.76 38.67 42.19
CA ASN F 145 -31.00 39.56 41.06
C ASN F 145 -30.49 40.95 41.43
N VAL F 146 -29.55 41.45 40.64
CA VAL F 146 -28.94 42.76 40.89
C VAL F 146 -29.83 43.84 40.28
N LYS F 147 -30.21 44.81 41.11
CA LYS F 147 -31.07 45.91 40.68
C LYS F 147 -30.48 47.23 41.14
N TRP F 148 -30.19 48.11 40.19
CA TRP F 148 -29.70 49.45 40.48
C TRP F 148 -30.78 50.46 40.14
N LYS F 149 -31.17 51.27 41.13
CA LYS F 149 -32.24 52.25 40.98
C LYS F 149 -31.65 53.64 41.16
N ILE F 150 -31.66 54.43 40.09
CA ILE F 150 -31.21 55.82 40.12
C ILE F 150 -32.34 56.65 39.50
N ASP F 151 -32.97 57.50 40.33
CA ASP F 151 -34.12 58.34 39.97
C ASP F 151 -35.28 57.54 39.42
N GLY F 152 -35.45 56.31 39.90
CA GLY F 152 -36.52 55.44 39.43
C GLY F 152 -36.34 54.95 38.00
N SER F 153 -35.11 54.60 37.62
CA SER F 153 -34.83 54.15 36.26
C SER F 153 -33.62 53.23 36.25
N GLU F 154 -33.60 52.30 35.30
CA GLU F 154 -32.49 51.37 35.14
C GLU F 154 -31.54 51.87 34.06
N ARG F 155 -30.29 51.40 34.11
CA ARG F 155 -29.28 51.76 33.12
C ARG F 155 -28.83 50.50 32.40
N GLN F 156 -28.86 50.54 31.07
CA GLN F 156 -28.41 49.42 30.24
C GLN F 156 -27.66 49.98 29.03
N ASN F 157 -26.51 49.39 28.71
CA ASN F 157 -25.88 48.30 29.46
C ASN F 157 -24.87 48.82 30.48
N GLY F 158 -24.10 47.90 31.04
CA GLY F 158 -23.07 48.25 32.01
C GLY F 158 -23.22 47.63 33.38
N VAL F 159 -24.15 46.69 33.55
CA VAL F 159 -24.38 46.03 34.83
C VAL F 159 -24.05 44.55 34.68
N LEU F 160 -22.94 44.12 35.27
CA LEU F 160 -22.54 42.72 35.24
C LEU F 160 -21.71 42.43 36.49
N ASN F 161 -21.88 41.22 37.01
CA ASN F 161 -21.23 40.83 38.26
C ASN F 161 -20.58 39.46 38.09
N SER F 162 -19.77 39.09 39.09
CA SER F 162 -19.11 37.81 39.14
C SER F 162 -19.30 37.19 40.52
N TRP F 163 -18.97 35.91 40.63
CA TRP F 163 -19.12 35.19 41.89
C TRP F 163 -17.88 34.34 42.14
N THR F 164 -17.81 33.75 43.34
CA THR F 164 -16.70 32.93 43.76
C THR F 164 -17.17 31.48 43.93
N ASP F 165 -16.21 30.57 43.98
CA ASP F 165 -16.51 29.16 44.16
C ASP F 165 -16.87 28.86 45.62
N GLN F 166 -17.25 27.61 45.87
CA GLN F 166 -17.67 27.20 47.20
C GLN F 166 -16.47 27.01 48.12
N ASP F 167 -16.61 27.47 49.36
CA ASP F 167 -15.54 27.37 50.33
C ASP F 167 -15.59 26.00 51.01
N SER F 168 -14.55 25.69 51.79
CA SER F 168 -14.46 24.39 52.47
C SER F 168 -15.27 24.41 53.77
N LYS F 169 -14.93 25.32 54.68
CA LYS F 169 -15.59 25.37 55.97
C LYS F 169 -16.83 26.27 55.93
N ASP F 170 -16.72 27.45 55.33
CA ASP F 170 -17.85 28.36 55.28
C ASP F 170 -18.88 27.90 54.24
N SER F 171 -18.41 27.45 53.08
CA SER F 171 -19.23 26.91 51.97
C SER F 171 -20.26 27.93 51.49
N THR F 172 -19.85 29.19 51.39
CA THR F 172 -20.69 30.28 50.92
C THR F 172 -20.04 30.91 49.69
N TYR F 173 -20.71 31.92 49.15
CA TYR F 173 -20.25 32.65 47.97
C TYR F 173 -20.04 34.12 48.32
N SER F 174 -19.68 34.90 47.31
CA SER F 174 -19.44 36.33 47.47
C SER F 174 -19.74 37.03 46.16
N MET F 175 -20.22 38.27 46.26
CA MET F 175 -20.57 39.07 45.11
C MET F 175 -19.55 40.18 44.90
N SER F 176 -19.48 40.68 43.67
CA SER F 176 -18.59 41.78 43.32
C SER F 176 -19.32 42.70 42.34
N SER F 177 -18.89 43.96 42.31
CA SER F 177 -19.53 44.97 41.47
C SER F 177 -18.47 45.80 40.78
N THR F 178 -18.64 46.00 39.47
CA THR F 178 -17.74 46.84 38.68
C THR F 178 -18.58 47.62 37.69
N LEU F 179 -18.56 48.94 37.82
CA LEU F 179 -19.35 49.84 36.97
C LEU F 179 -18.41 50.79 36.24
N THR F 180 -18.66 51.01 34.95
CA THR F 180 -17.85 51.88 34.12
C THR F 180 -18.66 53.11 33.76
N LEU F 181 -18.26 54.26 34.32
CA LEU F 181 -18.92 55.52 34.03
C LEU F 181 -17.91 56.65 34.24
N THR F 182 -18.02 57.70 33.42
CA THR F 182 -17.11 58.82 33.48
C THR F 182 -17.49 59.77 34.63
N LYS F 183 -16.67 60.80 34.83
CA LYS F 183 -16.83 61.65 36.00
C LYS F 183 -17.85 62.77 35.77
N ASP F 184 -18.06 63.17 34.51
CA ASP F 184 -18.96 64.28 34.24
C ASP F 184 -20.43 63.87 34.30
N GLU F 185 -20.73 62.58 34.19
CA GLU F 185 -22.11 62.10 34.27
C GLU F 185 -22.46 61.56 35.66
N TYR F 186 -21.59 61.75 36.64
CA TYR F 186 -21.89 61.26 37.99
C TYR F 186 -22.55 62.33 38.85
N GLU F 187 -22.22 63.60 38.63
CA GLU F 187 -22.75 64.69 39.44
C GLU F 187 -24.07 65.26 38.90
N ARG F 188 -24.72 64.58 37.97
CA ARG F 188 -25.99 65.06 37.46
C ARG F 188 -27.17 64.56 38.29
N HIS F 189 -27.03 63.40 38.92
CA HIS F 189 -28.06 62.82 39.77
C HIS F 189 -27.51 62.64 41.18
N ASN F 190 -28.40 62.34 42.13
CA ASN F 190 -28.03 62.20 43.53
C ASN F 190 -28.42 60.84 44.09
N SER F 191 -29.50 60.25 43.62
CA SER F 191 -29.98 58.99 44.18
C SER F 191 -29.20 57.81 43.61
N TYR F 192 -28.58 57.04 44.50
CA TYR F 192 -27.87 55.82 44.13
C TYR F 192 -28.22 54.74 45.15
N THR F 193 -28.79 53.64 44.68
CA THR F 193 -29.26 52.58 45.56
C THR F 193 -28.88 51.22 44.98
N CYS F 194 -28.25 50.40 45.82
CA CYS F 194 -27.89 49.03 45.47
C CYS F 194 -28.91 48.09 46.09
N GLU F 195 -29.68 47.41 45.25
CA GLU F 195 -30.75 46.53 45.70
C GLU F 195 -30.48 45.10 45.26
N ALA F 196 -30.83 44.14 46.12
CA ALA F 196 -30.67 42.72 45.84
C ALA F 196 -31.88 41.98 46.40
N THR F 197 -32.60 41.29 45.52
CA THR F 197 -33.81 40.56 45.90
C THR F 197 -33.44 39.11 46.18
N HIS F 198 -33.49 38.73 47.45
CA HIS F 198 -33.16 37.37 47.87
C HIS F 198 -34.38 36.73 48.53
N LYS F 199 -34.32 35.42 48.71
CA LYS F 199 -35.42 34.66 49.28
C LYS F 199 -35.43 34.64 50.80
N THR F 200 -34.57 35.42 51.45
CA THR F 200 -34.58 35.47 52.92
C THR F 200 -35.75 36.27 53.44
N SER F 201 -36.04 37.41 52.82
CA SER F 201 -37.15 38.27 53.20
C SER F 201 -37.99 38.62 51.98
N THR F 202 -39.26 38.94 52.23
CA THR F 202 -40.14 39.30 51.13
C THR F 202 -39.85 40.71 50.61
N SER F 203 -39.36 41.60 51.47
CA SER F 203 -39.02 42.96 51.08
C SER F 203 -37.52 43.17 51.22
N PRO F 204 -36.82 43.60 50.18
CA PRO F 204 -35.37 43.85 50.30
C PRO F 204 -35.11 45.12 51.10
N ILE F 205 -33.92 45.16 51.72
CA ILE F 205 -33.54 46.33 52.51
C ILE F 205 -33.14 47.47 51.59
N VAL F 206 -33.34 48.70 52.06
CA VAL F 206 -33.07 49.90 51.29
C VAL F 206 -31.94 50.66 51.97
N LYS F 207 -30.87 50.92 51.23
CA LYS F 207 -29.73 51.68 51.72
C LYS F 207 -29.18 52.52 50.58
N SER F 208 -29.10 53.83 50.77
CA SER F 208 -28.65 54.75 49.75
C SER F 208 -27.66 55.75 50.35
N PHE F 209 -27.01 56.50 49.48
CA PHE F 209 -26.05 57.53 49.88
C PHE F 209 -26.21 58.74 48.96
N ASN F 210 -25.53 59.82 49.33
CA ASN F 210 -25.61 61.06 48.55
C ASN F 210 -24.23 61.56 48.17
N ARG F 211 -24.16 62.77 47.63
CA ARG F 211 -22.90 63.33 47.14
C ARG F 211 -22.01 63.79 48.28
N ASN F 212 -22.49 64.72 49.10
CA ASN F 212 -21.68 65.37 50.12
C ASN F 212 -21.70 64.63 51.46
N GLU F 213 -22.19 63.39 51.50
CA GLU F 213 -22.17 62.63 52.73
C GLU F 213 -20.78 62.06 53.00
#